data_7VRS
#
_entry.id   7VRS
#
_cell.length_a   75.613
_cell.length_b   102.061
_cell.length_c   150.991
_cell.angle_alpha   90.000
_cell.angle_beta   90.000
_cell.angle_gamma   90.000
#
_symmetry.space_group_name_H-M   'P 2 2 21'
#
loop_
_entity.id
_entity.type
_entity.pdbx_description
1 polymer 'Type I modular polyketide synthase'
2 polymer 'Type I modular polyketide synthase'
3 non-polymer "1,1'-butane-1,4-diylbis(1H-pyrrole-2,5-dione)"
4 non-polymer "4'-PHOSPHOPANTETHEINE"
5 water water
#
loop_
_entity_poly.entity_id
_entity_poly.type
_entity_poly.pdbx_seq_one_letter_code
_entity_poly.pdbx_strand_id
1 'polypeptide(L)'
;MGSSHHHHHHSSGLVPRGSHMDAPALAEVLAPTVPWPLSGKNPGALQGQAARLAAHLAEDHDLSLSDLGLSLATTRARLE
HRAVVVLGSREEALGGLGALGEQMPAGNVVTGAADLSGKTVFVFPGQGSQWAGMAVELLDSSPVFAARFAEVAGAVEAYV
DWSVESVVRGADEAPSLDRIEILQPVLFTVMVSLAALWRAAGVVPDAVVGHCQGEIAAAAVSGALSLGDAAQVVVLRSQL
FADELVGKGAVASVSLPAAEVEARIARFNGDAELLSIAGNNGPRSVTVAGQVAALEELVAELEAEGVRAKVIGSTVASHS
AQVDPLHERILDLLSFVQPREGSVPLYSTVNGEVLNGAELDASYWFENSRRPVSFEPVVRALFADGFDVFVESSAHPVLT
YGISETAEAAGREVLAQGTLRREEGGLARFYSSLAGVWTRGVDVDWAGAFAGRGARVVDLPTYAFQ
;
A,B
2 'polypeptide(L)'
;MGSSHHHHHHSSGLVPRGSHMGAATPAERDAILLDLVRGQVAAVLGHASGEDIEPGRAFKNLGFDSLTAVELRDRLGAAT
GHKLPATIVFDYPNPTALAQHLRAAVL
;
C
#
loop_
_chem_comp.id
_chem_comp.type
_chem_comp.name
_chem_comp.formula
ME9 non-polymer 1,1'-butane-1,4-diylbis(1H-pyrrole-2,5-dione) 'C12 H12 N2 O4'
PNS non-polymer 4'-PHOSPHOPANTETHEINE 'C11 H23 N2 O7 P S'
#
# COMPACT_ATOMS: atom_id res chain seq x y z
N ALA A 23 5.21 14.18 1.95
CA ALA A 23 6.37 15.05 1.52
C ALA A 23 7.69 14.33 1.80
N PRO A 24 7.96 13.80 3.01
CA PRO A 24 9.24 13.14 3.29
C PRO A 24 9.38 11.81 2.54
N ALA A 25 10.56 11.50 2.00
CA ALA A 25 10.85 10.35 1.09
C ALA A 25 11.27 9.10 1.90
N LEU A 26 11.19 7.89 1.31
CA LEU A 26 11.73 6.63 1.93
C LEU A 26 13.20 6.81 2.30
N ALA A 27 13.96 7.41 1.39
CA ALA A 27 15.44 7.33 1.35
C ALA A 27 16.04 8.72 1.20
N GLU A 28 17.01 9.06 2.04
CA GLU A 28 17.88 10.24 1.86
C GLU A 28 18.38 10.15 0.42
N VAL A 29 18.50 11.30 -0.21
CA VAL A 29 18.81 11.43 -1.66
C VAL A 29 20.24 10.92 -1.91
N LEU A 30 21.06 10.91 -0.87
CA LEU A 30 22.46 10.42 -0.90
C LEU A 30 22.59 9.02 -0.27
N ALA A 31 21.52 8.41 0.24
CA ALA A 31 21.61 7.03 0.75
C ALA A 31 22.05 6.14 -0.39
N PRO A 32 23.16 5.38 -0.23
CA PRO A 32 23.63 4.49 -1.29
C PRO A 32 22.72 3.28 -1.56
N THR A 33 22.05 2.74 -0.54
CA THR A 33 21.11 1.60 -0.71
C THR A 33 19.94 1.98 -1.63
N VAL A 34 19.70 1.19 -2.68
CA VAL A 34 18.45 1.22 -3.49
C VAL A 34 17.98 -0.20 -3.74
N PRO A 35 16.67 -0.38 -4.04
CA PRO A 35 16.13 -1.69 -4.41
C PRO A 35 15.88 -1.77 -5.92
N TRP A 36 16.15 -2.93 -6.53
CA TRP A 36 15.79 -3.27 -7.94
C TRP A 36 14.78 -4.40 -7.95
N PRO A 37 13.47 -4.12 -8.14
CA PRO A 37 12.45 -5.15 -8.18
C PRO A 37 12.42 -5.74 -9.59
N LEU A 38 12.37 -7.07 -9.70
CA LEU A 38 12.23 -7.81 -10.98
C LEU A 38 11.06 -8.78 -10.85
N SER A 39 10.43 -9.12 -11.98
CA SER A 39 9.41 -10.19 -12.02
C SER A 39 9.38 -10.81 -13.41
N GLY A 40 9.28 -12.15 -13.50
CA GLY A 40 8.99 -12.86 -14.76
C GLY A 40 7.78 -13.78 -14.65
N LYS A 41 7.27 -14.25 -15.79
CA LYS A 41 6.19 -15.28 -15.92
C LYS A 41 6.55 -16.53 -15.10
N ASN A 42 7.79 -17.01 -15.23
CA ASN A 42 8.28 -18.25 -14.58
C ASN A 42 9.72 -18.00 -14.11
N PRO A 43 10.32 -18.93 -13.34
CA PRO A 43 11.64 -18.67 -12.77
C PRO A 43 12.79 -18.47 -13.77
N GLY A 44 12.71 -19.16 -14.91
CA GLY A 44 13.75 -19.07 -15.96
C GLY A 44 13.74 -17.71 -16.62
N ALA A 45 12.56 -17.09 -16.73
CA ALA A 45 12.46 -15.73 -17.30
C ALA A 45 13.10 -14.75 -16.32
N LEU A 46 12.89 -14.96 -15.02
CA LEU A 46 13.49 -14.09 -13.98
C LEU A 46 15.02 -14.19 -14.04
N GLN A 47 15.56 -15.39 -14.20
CA GLN A 47 17.04 -15.57 -14.31
C GLN A 47 17.55 -14.87 -15.57
N GLY A 48 16.85 -15.06 -16.70
CA GLY A 48 17.35 -14.50 -17.98
C GLY A 48 17.40 -12.99 -17.96
N GLN A 49 16.35 -12.34 -17.43
CA GLN A 49 16.31 -10.86 -17.37
C GLN A 49 17.42 -10.37 -16.43
N ALA A 50 17.67 -11.09 -15.34
CA ALA A 50 18.74 -10.71 -14.39
C ALA A 50 20.11 -10.77 -15.07
N ALA A 51 20.35 -11.81 -15.87
CA ALA A 51 21.63 -11.94 -16.60
C ALA A 51 21.75 -10.84 -17.63
N ARG A 52 20.67 -10.59 -18.39
CA ARG A 52 20.67 -9.48 -19.38
C ARG A 52 20.94 -8.15 -18.69
N LEU A 53 20.27 -7.90 -17.57
CA LEU A 53 20.39 -6.65 -16.77
C LEU A 53 21.83 -6.50 -16.28
N ALA A 54 22.46 -7.61 -15.90
CA ALA A 54 23.84 -7.63 -15.39
C ALA A 54 24.80 -7.22 -16.53
N ALA A 55 24.57 -7.76 -17.72
CA ALA A 55 25.38 -7.43 -18.91
C ALA A 55 25.12 -5.97 -19.28
N HIS A 56 23.88 -5.50 -19.21
CA HIS A 56 23.55 -4.08 -19.48
C HIS A 56 24.44 -3.20 -18.59
N LEU A 57 24.55 -3.54 -17.29
CA LEU A 57 25.30 -2.74 -16.27
C LEU A 57 26.80 -2.90 -16.51
N ALA A 58 27.32 -4.13 -16.54
CA ALA A 58 28.76 -4.38 -16.74
C ALA A 58 29.29 -3.51 -17.88
N GLU A 59 28.54 -3.38 -18.98
CA GLU A 59 29.04 -2.83 -20.28
C GLU A 59 29.20 -1.32 -20.20
N ASP A 60 28.42 -0.63 -19.35
CA ASP A 60 28.35 0.86 -19.27
C ASP A 60 28.59 1.34 -17.82
N HIS A 61 29.81 1.79 -17.53
CA HIS A 61 30.29 2.24 -16.19
C HIS A 61 29.57 3.55 -15.79
N ASP A 62 28.83 4.18 -16.71
CA ASP A 62 28.15 5.50 -16.53
C ASP A 62 26.67 5.37 -16.10
N LEU A 63 26.06 4.20 -16.18
CA LEU A 63 24.65 4.01 -15.75
C LEU A 63 24.46 4.37 -14.27
N SER A 64 23.52 5.28 -14.02
CA SER A 64 22.89 5.60 -12.72
C SER A 64 22.07 4.39 -12.23
N LEU A 65 22.40 3.94 -11.02
CA LEU A 65 21.74 2.81 -10.30
C LEU A 65 20.33 3.24 -9.93
N SER A 66 20.09 4.55 -9.80
CA SER A 66 18.74 5.11 -9.51
C SER A 66 17.88 5.16 -10.77
N ASP A 67 18.48 5.51 -11.92
CA ASP A 67 17.75 5.51 -13.21
C ASP A 67 17.26 4.09 -13.44
N LEU A 68 18.15 3.10 -13.35
CA LEU A 68 17.81 1.69 -13.62
C LEU A 68 16.73 1.22 -12.62
N GLY A 69 16.91 1.52 -11.34
CA GLY A 69 15.94 1.25 -10.26
C GLY A 69 14.58 1.84 -10.59
N LEU A 70 14.53 3.15 -10.89
CA LEU A 70 13.26 3.83 -11.19
C LEU A 70 12.58 3.16 -12.41
N SER A 71 13.37 2.83 -13.43
CA SER A 71 12.93 2.21 -14.71
C SER A 71 12.32 0.82 -14.46
N LEU A 72 12.99 0.01 -13.63
CA LEU A 72 12.49 -1.32 -13.18
C LEU A 72 11.21 -1.17 -12.38
N ALA A 73 11.09 -0.10 -11.61
CA ALA A 73 9.97 0.09 -10.69
C ALA A 73 8.81 0.76 -11.42
N THR A 74 9.01 1.26 -12.64
CA THR A 74 7.96 2.06 -13.33
C THR A 74 7.52 1.37 -14.64
N THR A 75 8.45 0.85 -15.45
CA THR A 75 8.13 0.47 -16.85
C THR A 75 8.06 -1.06 -17.04
N ARG A 76 7.87 -1.83 -15.97
CA ARG A 76 7.92 -3.32 -16.06
C ARG A 76 6.60 -3.91 -15.60
N ALA A 77 6.13 -4.92 -16.31
CA ALA A 77 4.91 -5.64 -15.93
C ALA A 77 5.15 -6.24 -14.55
N ARG A 78 4.11 -6.23 -13.72
CA ARG A 78 4.05 -6.97 -12.45
C ARG A 78 3.68 -8.43 -12.74
N LEU A 79 4.64 -9.35 -12.54
CA LEU A 79 4.46 -10.79 -12.83
C LEU A 79 4.65 -11.67 -11.58
N GLU A 80 4.39 -12.95 -11.67
CA GLU A 80 4.10 -13.79 -10.48
C GLU A 80 5.42 -14.12 -9.79
N HIS A 81 6.49 -14.40 -10.54
CA HIS A 81 7.81 -14.83 -10.00
C HIS A 81 8.71 -13.62 -9.79
N ARG A 82 9.05 -13.34 -8.53
CA ARG A 82 9.53 -12.01 -8.09
C ARG A 82 10.87 -12.15 -7.35
N ALA A 83 11.74 -11.15 -7.56
CA ALA A 83 13.05 -11.11 -6.88
C ALA A 83 13.44 -9.64 -6.73
N VAL A 84 13.87 -9.22 -5.54
CA VAL A 84 14.37 -7.82 -5.37
C VAL A 84 15.85 -7.87 -5.00
N VAL A 85 16.68 -7.10 -5.71
CA VAL A 85 18.12 -7.03 -5.36
C VAL A 85 18.33 -5.73 -4.58
N VAL A 86 18.79 -5.84 -3.34
CA VAL A 86 19.06 -4.63 -2.50
C VAL A 86 20.55 -4.32 -2.71
N LEU A 87 20.86 -3.16 -3.29
CA LEU A 87 22.27 -2.89 -3.62
C LEU A 87 22.68 -1.46 -3.25
N GLY A 88 23.93 -1.28 -2.80
CA GLY A 88 24.45 0.06 -2.53
C GLY A 88 25.56 0.39 -3.51
N SER A 89 25.78 -0.48 -4.50
CA SER A 89 26.92 -0.29 -5.44
C SER A 89 26.81 -1.19 -6.67
N ARG A 90 27.51 -0.84 -7.77
CA ARG A 90 27.59 -1.69 -8.97
C ARG A 90 27.88 -3.13 -8.57
N GLU A 91 28.95 -3.37 -7.81
CA GLU A 91 29.44 -4.75 -7.57
C GLU A 91 28.42 -5.51 -6.69
N GLU A 92 27.62 -4.82 -5.87
CA GLU A 92 26.50 -5.47 -5.11
C GLU A 92 25.34 -5.78 -6.08
N ALA A 93 25.16 -4.97 -7.12
CA ALA A 93 24.16 -5.20 -8.18
C ALA A 93 24.57 -6.37 -9.09
N LEU A 94 25.82 -6.42 -9.49
CA LEU A 94 26.35 -7.54 -10.32
C LEU A 94 26.37 -8.83 -9.49
N GLY A 95 26.69 -8.78 -8.19
CA GLY A 95 26.60 -9.95 -7.30
C GLY A 95 25.18 -10.48 -7.20
N GLY A 96 24.23 -9.60 -6.85
CA GLY A 96 22.81 -9.97 -6.74
C GLY A 96 22.30 -10.57 -8.03
N LEU A 97 22.50 -9.87 -9.15
CA LEU A 97 21.92 -10.24 -10.47
C LEU A 97 22.63 -11.50 -10.97
N GLY A 98 23.88 -11.70 -10.56
CA GLY A 98 24.65 -12.92 -10.91
C GLY A 98 24.08 -14.15 -10.21
N ALA A 99 23.89 -14.08 -8.89
CA ALA A 99 23.26 -15.14 -8.09
C ALA A 99 21.86 -15.45 -8.62
N LEU A 100 21.06 -14.40 -8.83
CA LEU A 100 19.71 -14.51 -9.41
C LEU A 100 19.81 -15.30 -10.72
N GLY A 101 20.79 -14.97 -11.56
CA GLY A 101 20.97 -15.51 -12.92
C GLY A 101 21.33 -16.99 -12.93
N GLU A 102 21.91 -17.52 -11.87
CA GLU A 102 22.33 -18.95 -11.81
C GLU A 102 21.61 -19.63 -10.63
N GLN A 103 20.31 -19.34 -10.48
CA GLN A 103 19.40 -20.03 -9.52
C GLN A 103 20.13 -20.24 -8.18
N MET A 104 21.02 -19.34 -7.80
CA MET A 104 21.85 -19.41 -6.57
C MET A 104 21.35 -18.39 -5.54
N PRO A 105 21.35 -18.69 -4.22
CA PRO A 105 20.97 -17.69 -3.21
C PRO A 105 21.99 -16.55 -3.13
N ALA A 106 21.62 -15.45 -2.44
CA ALA A 106 22.56 -14.38 -2.03
C ALA A 106 21.95 -13.53 -0.91
N GLY A 107 22.80 -12.89 -0.09
CA GLY A 107 22.43 -12.20 1.16
C GLY A 107 21.60 -10.96 0.89
N ASN A 108 21.64 -10.46 -0.35
CA ASN A 108 21.02 -9.20 -0.78
C ASN A 108 20.00 -9.48 -1.89
N VAL A 109 19.62 -10.75 -2.09
CA VAL A 109 18.51 -11.04 -3.04
C VAL A 109 17.37 -11.74 -2.28
N VAL A 110 16.16 -11.17 -2.33
CA VAL A 110 14.92 -11.74 -1.75
C VAL A 110 14.04 -12.18 -2.91
N THR A 111 13.64 -13.45 -2.95
CA THR A 111 12.79 -14.03 -4.03
C THR A 111 11.50 -14.59 -3.43
N GLY A 112 10.47 -14.76 -4.27
CA GLY A 112 9.17 -15.35 -3.87
C GLY A 112 8.20 -15.40 -5.04
N ALA A 113 7.12 -16.18 -4.88
CA ALA A 113 5.95 -16.25 -5.79
C ALA A 113 4.83 -15.37 -5.24
N ALA A 114 4.20 -14.55 -6.08
CA ALA A 114 3.10 -13.66 -5.65
C ALA A 114 1.80 -14.48 -5.49
N ASP A 115 1.73 -15.34 -4.48
CA ASP A 115 0.67 -16.39 -4.38
C ASP A 115 -0.27 -16.09 -3.19
N LEU A 116 -0.03 -14.99 -2.48
CA LEU A 116 -0.85 -14.53 -1.31
C LEU A 116 -1.80 -13.42 -1.78
N SER A 117 -2.91 -13.17 -1.06
CA SER A 117 -3.93 -12.14 -1.40
C SER A 117 -3.43 -10.74 -0.99
N GLY A 118 -2.47 -10.72 -0.06
CA GLY A 118 -1.85 -9.50 0.49
C GLY A 118 -2.76 -8.79 1.48
N LYS A 119 -3.79 -9.45 1.98
CA LYS A 119 -4.57 -8.84 3.09
C LYS A 119 -3.70 -8.78 4.35
N THR A 120 -3.40 -7.57 4.83
CA THR A 120 -2.25 -7.28 5.72
C THR A 120 -2.77 -6.84 7.09
N VAL A 121 -2.20 -7.42 8.15
CA VAL A 121 -2.43 -6.94 9.56
C VAL A 121 -1.09 -6.53 10.15
N PHE A 122 -1.03 -5.32 10.72
CA PHE A 122 0.21 -4.77 11.34
C PHE A 122 0.23 -5.21 12.79
N VAL A 123 1.36 -5.79 13.23
CA VAL A 123 1.48 -6.43 14.57
C VAL A 123 2.40 -5.57 15.42
N PHE A 124 1.89 -5.04 16.53
CA PHE A 124 2.66 -4.21 17.49
C PHE A 124 2.87 -4.98 18.77
N PRO A 125 4.03 -5.63 18.94
CA PRO A 125 4.35 -6.31 20.20
C PRO A 125 4.68 -5.31 21.32
N GLY A 126 4.83 -5.78 22.56
CA GLY A 126 5.49 -5.05 23.66
C GLY A 126 7.00 -5.25 23.64
N GLN A 127 7.57 -5.58 24.79
CA GLN A 127 9.03 -5.56 25.04
C GLN A 127 9.68 -6.80 24.41
N GLY A 128 10.99 -6.76 24.15
CA GLY A 128 11.73 -7.81 23.44
C GLY A 128 12.18 -7.34 22.07
N SER A 129 11.53 -6.30 21.51
CA SER A 129 11.94 -5.72 20.20
C SER A 129 13.22 -4.86 20.34
N GLN A 130 13.62 -4.47 21.56
CA GLN A 130 14.63 -3.39 21.78
C GLN A 130 16.03 -3.94 21.59
N TRP A 131 16.91 -3.11 21.02
CA TRP A 131 18.38 -3.31 20.94
C TRP A 131 19.04 -1.95 20.75
N ALA A 132 20.23 -1.77 21.34
CA ALA A 132 21.07 -0.56 21.32
C ALA A 132 21.54 -0.29 19.89
N GLY A 133 21.12 0.82 19.31
CA GLY A 133 21.41 1.14 17.90
C GLY A 133 20.15 1.11 17.06
N MET A 134 19.05 0.57 17.59
CA MET A 134 17.77 0.51 16.84
C MET A 134 17.34 1.91 16.44
N ALA A 135 16.92 2.09 15.18
CA ALA A 135 16.27 3.32 14.69
C ALA A 135 17.32 4.35 14.21
N VAL A 136 18.56 4.26 14.73
CA VAL A 136 19.64 5.22 14.39
C VAL A 136 19.87 5.23 12.87
N GLU A 137 20.20 4.09 12.27
CA GLU A 137 20.58 4.09 10.84
C GLU A 137 19.43 4.75 10.04
N LEU A 138 18.17 4.52 10.44
CA LEU A 138 17.00 5.09 9.72
C LEU A 138 16.82 6.57 10.07
N LEU A 139 17.14 7.03 11.28
CA LEU A 139 17.12 8.49 11.57
C LEU A 139 18.00 9.25 10.56
N ASP A 140 19.11 8.65 10.15
CA ASP A 140 20.16 9.33 9.36
C ASP A 140 19.87 9.13 7.89
N SER A 141 18.99 8.20 7.51
CA SER A 141 18.93 7.70 6.11
C SER A 141 17.49 7.62 5.61
N SER A 142 16.49 7.66 6.48
CA SER A 142 15.06 7.68 6.03
C SER A 142 14.35 8.96 6.48
N PRO A 143 14.03 9.87 5.55
CA PRO A 143 13.30 11.10 5.89
C PRO A 143 11.88 10.84 6.41
N VAL A 144 11.16 9.90 5.83
CA VAL A 144 9.81 9.49 6.33
C VAL A 144 9.94 9.08 7.81
N PHE A 145 10.83 8.13 8.09
CA PHE A 145 11.05 7.55 9.44
C PHE A 145 11.42 8.65 10.44
N ALA A 146 12.41 9.46 10.07
CA ALA A 146 12.92 10.65 10.81
C ALA A 146 11.78 11.63 11.13
N ALA A 147 11.04 12.04 10.09
CA ALA A 147 9.85 12.90 10.19
C ALA A 147 8.87 12.33 11.22
N ARG A 148 8.47 11.07 11.06
CA ARG A 148 7.47 10.44 11.96
C ARG A 148 8.06 10.33 13.37
N PHE A 149 9.35 10.01 13.49
CA PHE A 149 10.02 9.83 14.80
C PHE A 149 10.04 11.17 15.53
N ALA A 150 10.21 12.26 14.77
CA ALA A 150 10.32 13.62 15.33
C ALA A 150 8.96 14.01 15.89
N GLU A 151 7.91 13.74 15.13
CA GLU A 151 6.49 14.06 15.45
C GLU A 151 6.15 13.32 16.75
N VAL A 152 6.40 12.02 16.79
CA VAL A 152 5.96 11.13 17.90
C VAL A 152 6.80 11.46 19.14
N ALA A 153 8.12 11.49 19.01
CA ALA A 153 9.04 11.93 20.08
C ALA A 153 8.57 13.29 20.61
N GLY A 154 8.34 14.26 19.72
CA GLY A 154 7.80 15.58 20.09
C GLY A 154 6.62 15.43 21.04
N ALA A 155 5.69 14.54 20.73
CA ALA A 155 4.46 14.32 21.53
C ALA A 155 4.79 13.64 22.86
N VAL A 156 5.73 12.69 22.91
CA VAL A 156 6.04 12.03 24.21
C VAL A 156 6.78 13.01 25.12
N GLU A 157 7.44 14.02 24.55
CA GLU A 157 8.38 14.90 25.27
C GLU A 157 7.63 16.06 25.92
N ALA A 158 6.31 16.16 25.69
CA ALA A 158 5.38 16.98 26.48
C ALA A 158 5.29 16.45 27.91
N TYR A 159 5.55 15.16 28.13
CA TYR A 159 5.20 14.45 29.38
C TYR A 159 6.44 13.91 30.06
N VAL A 160 7.62 14.09 29.46
CA VAL A 160 8.94 13.69 30.04
C VAL A 160 9.99 14.79 29.80
N ASP A 161 11.07 14.71 30.58
CA ASP A 161 12.12 15.74 30.74
C ASP A 161 13.32 15.34 29.87
N TRP A 162 13.40 14.07 29.45
CA TRP A 162 14.51 13.50 28.64
C TRP A 162 14.15 13.52 27.17
N SER A 163 15.09 13.16 26.31
CA SER A 163 15.02 13.28 24.82
C SER A 163 14.99 11.90 24.16
N VAL A 164 13.95 11.58 23.39
CA VAL A 164 13.79 10.19 22.87
C VAL A 164 14.95 9.90 21.90
N GLU A 165 15.27 10.87 21.04
CA GLU A 165 16.37 10.73 20.08
C GLU A 165 17.65 10.43 20.86
N SER A 166 17.90 11.22 21.89
CA SER A 166 19.11 11.10 22.74
C SER A 166 19.19 9.68 23.31
N VAL A 167 18.08 9.10 23.77
CA VAL A 167 18.09 7.71 24.30
C VAL A 167 18.44 6.77 23.16
N VAL A 168 17.76 6.92 22.03
CA VAL A 168 17.87 5.95 20.90
C VAL A 168 19.32 5.96 20.42
N ARG A 169 19.95 7.13 20.40
CA ARG A 169 21.33 7.39 19.88
C ARG A 169 22.38 7.08 20.95
N GLY A 170 21.96 6.88 22.21
CA GLY A 170 22.81 6.39 23.31
C GLY A 170 23.84 7.43 23.74
N ALA A 171 23.45 8.71 23.78
CA ALA A 171 24.23 9.82 24.37
C ALA A 171 24.50 9.51 25.84
N ASP A 172 25.53 10.16 26.42
CA ASP A 172 26.12 9.92 27.77
C ASP A 172 25.09 10.22 28.86
N GLU A 173 24.35 11.32 28.70
CA GLU A 173 23.47 11.98 29.71
C GLU A 173 22.09 11.31 29.70
N ALA A 174 21.78 10.50 28.68
CA ALA A 174 20.41 10.04 28.36
C ALA A 174 20.01 8.90 29.28
N PRO A 175 18.74 8.83 29.73
CA PRO A 175 18.30 7.73 30.58
C PRO A 175 18.56 6.35 29.96
N SER A 176 18.48 5.31 30.81
CA SER A 176 18.73 3.88 30.46
C SER A 176 17.43 3.22 29.98
N LEU A 177 17.55 2.47 28.88
CA LEU A 177 16.49 1.58 28.31
C LEU A 177 16.13 0.46 29.28
N ASP A 178 16.96 0.16 30.29
CA ASP A 178 16.66 -0.89 31.29
C ASP A 178 15.40 -0.46 32.08
N ARG A 179 15.09 0.83 32.10
CA ARG A 179 13.98 1.35 32.95
C ARG A 179 12.69 1.26 32.14
N ILE A 180 11.75 0.48 32.63
CA ILE A 180 10.46 0.23 31.95
C ILE A 180 9.89 1.59 31.49
N GLU A 181 10.12 2.67 32.24
CA GLU A 181 9.44 3.98 32.03
C GLU A 181 10.16 4.77 30.95
N ILE A 182 11.38 4.36 30.58
CA ILE A 182 12.09 4.90 29.38
C ILE A 182 11.83 3.97 28.18
N LEU A 183 11.85 2.66 28.43
CA LEU A 183 11.72 1.59 27.40
C LEU A 183 10.38 1.74 26.68
N GLN A 184 9.26 1.82 27.41
CA GLN A 184 7.92 1.75 26.78
C GLN A 184 7.72 2.95 25.84
N PRO A 185 7.94 4.21 26.28
CA PRO A 185 7.73 5.38 25.42
C PRO A 185 8.63 5.30 24.19
N VAL A 186 9.78 4.65 24.32
CA VAL A 186 10.80 4.62 23.24
C VAL A 186 10.35 3.62 22.18
N LEU A 187 10.00 2.40 22.61
CA LEU A 187 9.54 1.31 21.70
C LEU A 187 8.27 1.82 21.01
N PHE A 188 7.46 2.63 21.70
CA PHE A 188 6.24 3.24 21.12
C PHE A 188 6.60 4.14 19.92
N THR A 189 7.53 5.07 20.12
CA THR A 189 8.09 5.93 19.04
C THR A 189 8.61 5.02 17.93
N VAL A 190 9.41 4.01 18.27
CA VAL A 190 10.10 3.23 17.22
C VAL A 190 9.02 2.52 16.39
N MET A 191 8.05 1.87 17.04
CA MET A 191 7.06 0.99 16.36
C MET A 191 6.14 1.83 15.49
N VAL A 192 5.76 3.01 16.00
CA VAL A 192 4.83 3.95 15.31
C VAL A 192 5.56 4.58 14.12
N SER A 193 6.84 4.86 14.28
CA SER A 193 7.69 5.45 13.20
C SER A 193 7.98 4.40 12.11
N LEU A 194 8.16 3.13 12.47
CA LEU A 194 8.36 2.04 11.49
C LEU A 194 7.09 1.84 10.65
N ALA A 195 5.91 2.01 11.25
CA ALA A 195 4.62 1.90 10.55
C ALA A 195 4.57 2.90 9.39
N ALA A 196 5.05 4.11 9.61
CA ALA A 196 4.87 5.23 8.67
C ALA A 196 5.82 4.98 7.49
N LEU A 197 6.91 4.24 7.76
CA LEU A 197 7.93 3.87 6.73
C LEU A 197 7.30 2.83 5.78
N TRP A 198 6.56 1.85 6.32
CA TRP A 198 5.75 0.88 5.53
C TRP A 198 4.69 1.64 4.69
N ARG A 199 4.00 2.60 5.30
CA ARG A 199 2.89 3.33 4.65
C ARG A 199 3.45 4.11 3.46
N ALA A 200 4.67 4.64 3.57
CA ALA A 200 5.32 5.43 2.51
C ALA A 200 5.76 4.47 1.41
N ALA A 201 6.03 3.22 1.76
CA ALA A 201 6.42 2.20 0.77
C ALA A 201 5.17 1.70 0.04
N GLY A 202 3.99 2.20 0.44
CA GLY A 202 2.69 1.76 -0.10
C GLY A 202 2.06 0.57 0.62
N VAL A 203 2.60 0.15 1.76
CA VAL A 203 2.03 -1.00 2.52
C VAL A 203 1.26 -0.46 3.74
N VAL A 204 -0.06 -0.36 3.61
CA VAL A 204 -0.99 0.09 4.69
C VAL A 204 -1.66 -1.14 5.29
N PRO A 205 -1.87 -1.13 6.62
CA PRO A 205 -2.58 -2.22 7.28
C PRO A 205 -4.05 -2.23 6.86
N ASP A 206 -4.64 -3.40 6.63
CA ASP A 206 -6.11 -3.57 6.53
C ASP A 206 -6.70 -3.81 7.92
N ALA A 207 -5.83 -4.15 8.89
CA ALA A 207 -6.25 -4.31 10.30
C ALA A 207 -5.01 -4.12 11.17
N VAL A 208 -5.18 -3.86 12.47
CA VAL A 208 -4.01 -3.70 13.39
C VAL A 208 -4.19 -4.59 14.63
N VAL A 209 -3.11 -5.20 15.11
CA VAL A 209 -3.17 -6.00 16.37
C VAL A 209 -2.04 -5.53 17.28
N GLY A 210 -2.28 -5.54 18.60
CA GLY A 210 -1.23 -5.13 19.55
C GLY A 210 -1.09 -6.10 20.71
N HIS A 211 0.12 -6.28 21.21
CA HIS A 211 0.36 -7.12 22.41
C HIS A 211 0.57 -6.17 23.57
N CYS A 212 -0.27 -6.23 24.62
CA CYS A 212 -0.21 -5.26 25.74
C CYS A 212 0.13 -3.87 25.20
N GLN A 213 1.24 -3.27 25.65
CA GLN A 213 1.59 -1.87 25.28
C GLN A 213 1.61 -1.67 23.77
N GLY A 214 1.68 -2.75 22.99
CA GLY A 214 1.64 -2.62 21.53
C GLY A 214 0.31 -2.06 21.06
N GLU A 215 -0.75 -2.28 21.83
CA GLU A 215 -2.09 -1.76 21.46
C GLU A 215 -2.04 -0.23 21.49
N ILE A 216 -1.15 0.36 22.25
CA ILE A 216 -1.09 1.84 22.35
C ILE A 216 -0.53 2.38 21.04
N ALA A 217 0.48 1.69 20.51
CA ALA A 217 1.07 1.98 19.18
C ALA A 217 0.02 1.74 18.06
N ALA A 218 -0.69 0.60 18.09
CA ALA A 218 -1.70 0.23 17.07
C ALA A 218 -2.79 1.31 17.02
N ALA A 219 -3.15 1.84 18.18
CA ALA A 219 -4.21 2.86 18.33
C ALA A 219 -3.72 4.17 17.71
N ALA A 220 -2.47 4.56 17.96
CA ALA A 220 -1.82 5.71 17.29
C ALA A 220 -1.77 5.50 15.77
N VAL A 221 -1.41 4.30 15.32
CA VAL A 221 -1.22 4.03 13.87
C VAL A 221 -2.59 3.97 13.21
N SER A 222 -3.58 3.47 13.93
CA SER A 222 -4.99 3.42 13.46
C SER A 222 -5.63 4.81 13.50
N GLY A 223 -5.14 5.72 14.36
CA GLY A 223 -5.76 7.05 14.59
C GLY A 223 -6.90 7.01 15.60
N ALA A 224 -7.13 5.88 16.28
CA ALA A 224 -8.13 5.70 17.35
C ALA A 224 -7.81 6.63 18.54
N LEU A 225 -6.53 6.73 18.90
CA LEU A 225 -5.98 7.75 19.83
C LEU A 225 -5.23 8.78 18.99
N SER A 226 -5.40 10.06 19.29
CA SER A 226 -4.47 11.14 18.88
C SER A 226 -3.07 10.69 19.29
N LEU A 227 -2.07 11.06 18.49
CA LEU A 227 -0.64 10.91 18.86
C LEU A 227 -0.41 11.34 20.32
N GLY A 228 -0.83 12.55 20.70
CA GLY A 228 -0.66 13.14 22.04
C GLY A 228 -1.25 12.27 23.13
N ASP A 229 -2.48 11.78 22.93
CA ASP A 229 -3.19 10.94 23.93
C ASP A 229 -2.45 9.60 24.06
N ALA A 230 -2.09 8.99 22.95
CA ALA A 230 -1.39 7.69 22.93
C ALA A 230 -0.07 7.85 23.68
N ALA A 231 0.69 8.90 23.36
CA ALA A 231 2.02 9.16 23.95
C ALA A 231 1.88 9.23 25.47
N GLN A 232 0.91 10.01 25.96
CA GLN A 232 0.70 10.29 27.41
C GLN A 232 0.37 9.00 28.14
N VAL A 233 -0.41 8.10 27.53
CA VAL A 233 -0.86 6.82 28.16
C VAL A 233 0.38 5.99 28.43
N VAL A 234 1.25 5.79 27.43
CA VAL A 234 2.42 4.88 27.54
C VAL A 234 3.39 5.51 28.52
N VAL A 235 3.44 6.85 28.55
CA VAL A 235 4.33 7.58 29.49
C VAL A 235 3.80 7.41 30.91
N LEU A 236 2.51 7.69 31.12
CA LEU A 236 1.98 7.76 32.51
C LEU A 236 1.85 6.34 33.08
N ARG A 237 1.40 5.37 32.27
CA ARG A 237 1.24 3.96 32.74
C ARG A 237 2.60 3.32 33.05
N SER A 238 3.58 3.42 32.14
CA SER A 238 4.94 2.91 32.42
C SER A 238 5.53 3.62 33.67
N GLN A 239 5.29 4.93 33.84
CA GLN A 239 5.79 5.66 35.03
C GLN A 239 5.07 5.10 36.27
N LEU A 240 3.74 4.90 36.21
CA LEU A 240 2.98 4.30 37.35
C LEU A 240 3.57 2.93 37.72
N PHE A 241 3.97 2.11 36.75
CA PHE A 241 4.53 0.76 37.01
C PHE A 241 5.93 0.90 37.61
N ALA A 242 6.73 1.86 37.15
CA ALA A 242 8.08 2.11 37.72
C ALA A 242 7.92 2.48 39.20
N ASP A 243 6.89 3.25 39.54
CA ASP A 243 6.66 3.74 40.92
C ASP A 243 6.14 2.58 41.78
N GLU A 244 5.14 1.85 41.31
CA GLU A 244 4.32 0.94 42.16
C GLU A 244 4.79 -0.52 42.07
N LEU A 245 5.41 -0.96 40.98
CA LEU A 245 5.39 -2.41 40.64
C LEU A 245 6.81 -2.98 40.47
N VAL A 246 7.82 -2.16 40.16
CA VAL A 246 9.23 -2.63 40.01
C VAL A 246 9.73 -3.18 41.35
N GLY A 247 10.33 -4.37 41.32
CA GLY A 247 10.82 -5.10 42.50
C GLY A 247 9.82 -6.13 43.04
N LYS A 248 8.51 -5.94 42.81
CA LYS A 248 7.43 -6.69 43.52
C LYS A 248 6.93 -7.85 42.65
N GLY A 249 7.57 -8.12 41.51
CA GLY A 249 7.06 -9.08 40.49
C GLY A 249 7.66 -8.87 39.10
N ALA A 250 7.59 -9.88 38.25
CA ALA A 250 8.08 -9.84 36.85
C ALA A 250 7.20 -10.76 35.98
N VAL A 251 7.53 -10.85 34.68
CA VAL A 251 6.94 -11.80 33.69
C VAL A 251 8.01 -12.81 33.28
N ALA A 252 7.60 -14.07 33.11
CA ALA A 252 8.40 -15.15 32.50
C ALA A 252 7.69 -15.67 31.26
N SER A 253 8.48 -16.01 30.22
CA SER A 253 8.05 -16.75 29.00
C SER A 253 8.28 -18.25 29.22
N VAL A 254 7.31 -19.08 28.81
CA VAL A 254 7.33 -20.57 28.96
C VAL A 254 6.84 -21.19 27.66
N SER A 255 7.59 -22.15 27.10
CA SER A 255 7.31 -22.81 25.80
C SER A 255 6.52 -24.09 26.04
N LEU A 256 5.37 -23.93 26.70
CA LEU A 256 4.26 -24.92 26.86
C LEU A 256 2.95 -24.27 26.46
N PRO A 257 1.95 -25.05 26.02
CA PRO A 257 0.59 -24.52 25.88
C PRO A 257 0.08 -23.91 27.19
N ALA A 258 -0.79 -22.91 27.10
CA ALA A 258 -1.20 -22.07 28.24
C ALA A 258 -1.91 -22.93 29.28
N ALA A 259 -2.72 -23.87 28.83
CA ALA A 259 -3.54 -24.69 29.75
C ALA A 259 -2.61 -25.60 30.54
N GLU A 260 -1.51 -26.03 29.94
CA GLU A 260 -0.52 -26.92 30.60
C GLU A 260 0.19 -26.11 31.71
N VAL A 261 0.47 -24.83 31.42
CA VAL A 261 1.11 -23.87 32.35
C VAL A 261 0.10 -23.50 33.45
N GLU A 262 -1.18 -23.30 33.11
CA GLU A 262 -2.24 -23.08 34.14
C GLU A 262 -2.28 -24.17 35.21
N ALA A 263 -2.13 -25.44 34.81
CA ALA A 263 -2.13 -26.60 35.72
C ALA A 263 -0.92 -26.53 36.66
N ARG A 264 0.26 -26.20 36.12
CA ARG A 264 1.53 -26.17 36.89
C ARG A 264 1.48 -24.99 37.89
N ILE A 265 0.79 -23.91 37.51
CA ILE A 265 0.71 -22.64 38.31
C ILE A 265 -0.12 -22.92 39.56
N ALA A 266 -1.05 -23.87 39.50
CA ALA A 266 -2.05 -24.13 40.56
C ALA A 266 -1.35 -24.56 41.86
N ARG A 267 -0.27 -25.34 41.73
CA ARG A 267 0.67 -25.74 42.83
C ARG A 267 1.02 -24.52 43.69
N PHE A 268 1.72 -23.53 43.10
CA PHE A 268 1.92 -22.20 43.72
C PHE A 268 0.57 -21.54 43.85
N ASN A 269 0.56 -20.32 44.39
CA ASN A 269 -0.64 -19.45 44.37
C ASN A 269 -1.87 -20.32 44.67
N GLY A 270 -1.78 -21.16 45.70
CA GLY A 270 -2.88 -22.03 46.19
C GLY A 270 -4.04 -21.22 46.75
N ASP A 271 -3.76 -20.29 47.66
CA ASP A 271 -4.77 -19.61 48.53
C ASP A 271 -4.91 -18.14 48.14
N ALA A 272 -4.32 -17.75 47.00
CA ALA A 272 -4.26 -16.37 46.45
C ALA A 272 -3.49 -16.42 45.13
N GLU A 273 -3.66 -15.42 44.25
CA GLU A 273 -3.00 -15.33 42.91
C GLU A 273 -1.57 -14.80 43.08
N LEU A 274 -0.58 -15.67 43.35
CA LEU A 274 0.83 -15.22 43.38
C LEU A 274 1.37 -15.33 41.95
N LEU A 275 0.96 -16.38 41.21
CA LEU A 275 1.36 -16.53 39.79
C LEU A 275 0.09 -16.62 38.93
N SER A 276 0.03 -15.88 37.82
CA SER A 276 -1.16 -15.91 36.92
C SER A 276 -0.71 -15.93 35.46
N ILE A 277 -1.52 -16.51 34.58
CA ILE A 277 -1.20 -16.47 33.12
C ILE A 277 -1.26 -15.00 32.69
N ALA A 278 -0.27 -14.54 31.94
CA ALA A 278 -0.20 -13.11 31.54
C ALA A 278 -0.42 -12.99 30.03
N GLY A 279 -0.23 -14.08 29.30
CA GLY A 279 -0.36 -14.00 27.83
C GLY A 279 -0.41 -15.39 27.21
N ASN A 280 -1.54 -15.75 26.61
CA ASN A 280 -1.69 -16.89 25.68
C ASN A 280 -1.18 -16.45 24.33
N ASN A 281 0.10 -16.68 24.05
CA ASN A 281 0.84 -16.02 22.94
C ASN A 281 0.88 -16.95 21.73
N GLY A 282 0.71 -18.25 21.96
CA GLY A 282 1.08 -19.30 20.99
C GLY A 282 0.55 -20.66 21.41
N PRO A 283 0.42 -21.61 20.46
CA PRO A 283 0.08 -23.01 20.78
C PRO A 283 1.02 -23.61 21.83
N ARG A 284 2.31 -23.20 21.81
CA ARG A 284 3.34 -23.69 22.75
C ARG A 284 4.15 -22.49 23.23
N SER A 285 3.49 -21.36 23.50
CA SER A 285 4.12 -20.13 24.05
C SER A 285 3.13 -19.37 24.94
N VAL A 286 3.46 -19.24 26.21
CA VAL A 286 2.61 -18.52 27.21
C VAL A 286 3.53 -17.67 28.09
N THR A 287 3.03 -16.53 28.56
CA THR A 287 3.71 -15.68 29.56
C THR A 287 2.95 -15.78 30.88
N VAL A 288 3.70 -15.84 31.99
CA VAL A 288 3.20 -15.88 33.40
C VAL A 288 3.70 -14.62 34.12
N ALA A 289 2.92 -14.09 35.06
CA ALA A 289 3.28 -12.89 35.84
C ALA A 289 3.06 -13.18 37.33
N GLY A 290 3.84 -12.53 38.19
CA GLY A 290 3.65 -12.57 39.65
C GLY A 290 4.95 -12.33 40.39
N GLN A 291 4.97 -12.59 41.69
CA GLN A 291 6.11 -12.22 42.56
C GLN A 291 7.34 -13.04 42.11
N VAL A 292 8.53 -12.47 42.31
CA VAL A 292 9.78 -12.87 41.59
C VAL A 292 10.15 -14.31 41.99
N ALA A 293 9.97 -14.67 43.26
CA ALA A 293 10.47 -15.92 43.88
C ALA A 293 9.69 -17.08 43.26
N ALA A 294 8.38 -17.08 43.44
CA ALA A 294 7.45 -18.08 42.84
C ALA A 294 7.77 -18.25 41.36
N LEU A 295 8.05 -17.14 40.67
CA LEU A 295 8.33 -17.13 39.21
C LEU A 295 9.64 -17.86 38.94
N GLU A 296 10.68 -17.61 39.74
CA GLU A 296 12.04 -18.17 39.53
C GLU A 296 12.02 -19.67 39.88
N GLU A 297 11.25 -20.03 40.90
CA GLU A 297 11.01 -21.44 41.31
C GLU A 297 10.36 -22.18 40.14
N LEU A 298 9.33 -21.60 39.53
CA LEU A 298 8.58 -22.19 38.40
C LEU A 298 9.53 -22.39 37.20
N VAL A 299 10.40 -21.39 36.94
CA VAL A 299 11.31 -21.38 35.75
C VAL A 299 12.38 -22.45 35.95
N ALA A 300 12.88 -22.63 37.17
CA ALA A 300 13.92 -23.64 37.48
C ALA A 300 13.33 -25.05 37.38
N GLU A 301 12.20 -25.30 38.06
CA GLU A 301 11.46 -26.58 38.04
C GLU A 301 11.25 -27.02 36.57
N LEU A 302 11.07 -26.04 35.66
CA LEU A 302 10.73 -26.27 34.22
C LEU A 302 12.01 -26.35 33.37
N GLU A 303 13.06 -25.60 33.74
CA GLU A 303 14.38 -25.66 33.06
C GLU A 303 14.93 -27.09 33.25
N ALA A 304 14.49 -27.74 34.34
CA ALA A 304 14.83 -29.15 34.68
C ALA A 304 14.32 -30.08 33.59
N GLU A 305 13.03 -30.01 33.27
CA GLU A 305 12.31 -31.04 32.47
C GLU A 305 12.43 -30.72 30.99
N GLY A 306 13.41 -29.88 30.62
CA GLY A 306 13.84 -29.66 29.23
C GLY A 306 13.18 -28.45 28.60
N VAL A 307 12.27 -27.81 29.34
CA VAL A 307 11.32 -26.77 28.82
C VAL A 307 12.08 -25.45 28.71
N ARG A 308 11.85 -24.72 27.64
CA ARG A 308 12.46 -23.40 27.38
C ARG A 308 11.65 -22.34 28.14
N ALA A 309 12.14 -21.93 29.31
CA ALA A 309 11.45 -20.93 30.16
C ALA A 309 12.47 -19.95 30.73
N LYS A 310 12.21 -18.65 30.63
CA LYS A 310 13.17 -17.62 31.15
C LYS A 310 12.37 -16.45 31.75
N VAL A 311 12.99 -15.70 32.67
CA VAL A 311 12.32 -14.49 33.23
C VAL A 311 12.76 -13.28 32.39
N ILE A 312 11.80 -12.59 31.76
CA ILE A 312 12.14 -11.44 30.87
C ILE A 312 12.64 -10.28 31.72
N GLY A 313 13.71 -9.60 31.28
CA GLY A 313 14.26 -8.46 32.03
C GLY A 313 13.45 -7.19 31.87
N SER A 314 13.55 -6.25 32.82
CA SER A 314 12.84 -4.95 32.73
C SER A 314 11.32 -5.15 32.65
N THR A 315 10.80 -6.17 33.33
CA THR A 315 9.34 -6.47 33.26
C THR A 315 8.72 -6.43 34.65
N VAL A 316 7.51 -5.87 34.75
CA VAL A 316 6.77 -5.89 36.04
C VAL A 316 5.72 -7.00 35.92
N ALA A 317 5.02 -7.31 37.00
CA ALA A 317 4.00 -8.39 36.98
C ALA A 317 2.65 -7.75 36.68
N SER A 318 2.59 -7.01 35.56
CA SER A 318 1.33 -6.55 34.92
C SER A 318 0.54 -7.78 34.53
N HIS A 319 -0.72 -7.64 34.11
CA HIS A 319 -1.51 -8.78 33.61
C HIS A 319 -1.62 -9.81 34.73
N SER A 320 -1.70 -9.33 35.98
CA SER A 320 -1.85 -10.14 37.21
C SER A 320 -2.67 -9.34 38.22
N ALA A 321 -2.87 -9.91 39.39
CA ALA A 321 -3.68 -9.31 40.48
C ALA A 321 -2.92 -8.12 41.08
N GLN A 322 -1.61 -8.06 40.84
CA GLN A 322 -0.74 -6.99 41.38
C GLN A 322 -1.22 -5.64 40.87
N VAL A 323 -1.97 -5.60 39.76
CA VAL A 323 -2.38 -4.30 39.13
C VAL A 323 -3.78 -3.91 39.62
N ASP A 324 -4.53 -4.81 40.24
CA ASP A 324 -5.93 -4.54 40.71
C ASP A 324 -5.97 -3.35 41.66
N PRO A 325 -4.99 -3.21 42.59
CA PRO A 325 -4.95 -2.10 43.52
C PRO A 325 -4.73 -0.71 42.90
N LEU A 326 -4.19 -0.64 41.68
CA LEU A 326 -3.91 0.64 40.98
C LEU A 326 -5.13 1.05 40.13
N HIS A 327 -6.23 0.30 40.15
CA HIS A 327 -7.45 0.57 39.32
C HIS A 327 -7.86 2.06 39.43
N GLU A 328 -8.15 2.55 40.63
CA GLU A 328 -8.72 3.91 40.77
C GLU A 328 -7.66 4.93 40.30
N ARG A 329 -6.39 4.69 40.57
CA ARG A 329 -5.30 5.60 40.13
C ARG A 329 -5.20 5.58 38.59
N ILE A 330 -5.42 4.43 37.94
CA ILE A 330 -5.18 4.36 36.48
C ILE A 330 -6.33 5.08 35.75
N LEU A 331 -7.55 5.05 36.28
CA LEU A 331 -8.75 5.67 35.66
C LEU A 331 -8.66 7.19 35.74
N ASP A 332 -8.04 7.72 36.80
CA ASP A 332 -7.82 9.18 37.00
C ASP A 332 -6.65 9.63 36.11
N LEU A 333 -5.57 8.87 36.14
CA LEU A 333 -4.32 9.15 35.40
C LEU A 333 -4.62 9.28 33.90
N LEU A 334 -5.54 8.45 33.38
CA LEU A 334 -5.82 8.33 31.93
C LEU A 334 -7.22 8.89 31.62
N SER A 335 -7.84 9.63 32.53
CA SER A 335 -9.17 10.23 32.30
C SER A 335 -9.15 11.18 31.08
N PHE A 336 -7.97 11.61 30.63
CA PHE A 336 -7.85 12.61 29.54
C PHE A 336 -8.20 11.96 28.19
N VAL A 337 -8.12 10.62 28.03
CA VAL A 337 -8.08 9.97 26.68
C VAL A 337 -9.43 10.19 26.00
N GLN A 338 -9.42 10.70 24.77
CA GLN A 338 -10.62 10.83 23.93
C GLN A 338 -10.45 9.88 22.75
N PRO A 339 -10.77 8.59 22.96
CA PRO A 339 -10.87 7.63 21.86
C PRO A 339 -11.81 8.12 20.75
N ARG A 340 -11.52 7.73 19.52
CA ARG A 340 -12.38 8.01 18.34
C ARG A 340 -12.26 6.83 17.37
N GLU A 341 -13.21 6.69 16.45
CA GLU A 341 -13.17 5.74 15.31
C GLU A 341 -11.87 5.92 14.52
N GLY A 342 -11.12 4.84 14.35
CA GLY A 342 -9.84 4.86 13.61
C GLY A 342 -10.08 4.60 12.14
N SER A 343 -9.01 4.45 11.35
CA SER A 343 -9.06 4.21 9.89
C SER A 343 -9.07 2.70 9.59
N VAL A 344 -8.63 1.86 10.54
CA VAL A 344 -8.71 0.38 10.38
C VAL A 344 -9.05 -0.24 11.72
N PRO A 345 -9.76 -1.39 11.64
CA PRO A 345 -10.13 -2.17 12.82
C PRO A 345 -8.90 -2.61 13.60
N LEU A 346 -9.06 -2.60 14.93
CA LEU A 346 -8.09 -3.12 15.92
C LEU A 346 -8.62 -4.45 16.43
N TYR A 347 -7.90 -5.55 16.23
CA TYR A 347 -8.28 -6.89 16.76
C TYR A 347 -7.80 -6.95 18.21
N SER A 348 -8.66 -6.52 19.14
CA SER A 348 -8.34 -6.49 20.59
C SER A 348 -7.86 -7.87 21.06
N THR A 349 -6.70 -7.88 21.75
CA THR A 349 -6.15 -9.03 22.51
C THR A 349 -6.46 -8.86 23.99
N VAL A 350 -7.37 -7.95 24.31
CA VAL A 350 -7.94 -7.82 25.68
C VAL A 350 -9.30 -8.53 25.71
N ASN A 351 -10.26 -8.14 24.88
CA ASN A 351 -11.66 -8.63 25.00
C ASN A 351 -11.98 -9.56 23.82
N GLY A 352 -11.03 -9.81 22.92
CA GLY A 352 -11.23 -10.58 21.67
C GLY A 352 -12.30 -10.02 20.70
N GLU A 353 -12.57 -8.71 20.69
CA GLU A 353 -13.50 -8.06 19.74
C GLU A 353 -12.75 -7.31 18.62
N VAL A 354 -13.46 -7.00 17.54
CA VAL A 354 -12.94 -6.15 16.43
C VAL A 354 -13.39 -4.72 16.68
N LEU A 355 -12.56 -3.95 17.39
CA LEU A 355 -12.89 -2.58 17.84
C LEU A 355 -12.71 -1.63 16.66
N ASN A 356 -13.47 -0.54 16.61
CA ASN A 356 -13.26 0.52 15.60
C ASN A 356 -12.37 1.62 16.20
N GLY A 357 -12.02 1.51 17.49
CA GLY A 357 -11.12 2.47 18.21
C GLY A 357 -11.86 3.47 19.13
N ALA A 358 -13.16 3.69 18.97
CA ALA A 358 -13.91 4.68 19.77
C ALA A 358 -14.14 4.16 21.19
N GLU A 359 -13.89 2.86 21.42
CA GLU A 359 -14.13 2.25 22.75
C GLU A 359 -12.83 2.10 23.54
N LEU A 360 -11.76 2.80 23.16
CA LEU A 360 -10.43 2.68 23.82
C LEU A 360 -10.27 3.82 24.83
N ASP A 361 -11.20 3.89 25.80
CA ASP A 361 -11.22 4.92 26.88
C ASP A 361 -10.33 4.47 28.07
N ALA A 362 -10.36 5.20 29.18
CA ALA A 362 -9.53 4.90 30.37
C ALA A 362 -9.70 3.44 30.79
N SER A 363 -10.95 2.94 30.87
CA SER A 363 -11.22 1.56 31.36
C SER A 363 -10.55 0.54 30.44
N TYR A 364 -10.64 0.73 29.12
CA TYR A 364 -9.98 -0.18 28.17
C TYR A 364 -8.50 -0.27 28.55
N TRP A 365 -7.87 0.87 28.84
CA TRP A 365 -6.39 0.91 29.03
C TRP A 365 -6.04 0.26 30.38
N PHE A 366 -6.97 0.25 31.34
CA PHE A 366 -6.81 -0.58 32.55
C PHE A 366 -6.88 -2.07 32.18
N GLU A 367 -7.92 -2.44 31.43
CA GLU A 367 -8.16 -3.84 31.01
C GLU A 367 -6.95 -4.31 30.22
N ASN A 368 -6.34 -3.39 29.46
CA ASN A 368 -5.20 -3.73 28.58
C ASN A 368 -4.02 -4.15 29.45
N SER A 369 -3.89 -3.54 30.64
CA SER A 369 -2.74 -3.74 31.57
C SER A 369 -3.07 -4.82 32.61
N ARG A 370 -4.33 -5.25 32.69
CA ARG A 370 -4.79 -6.18 33.74
C ARG A 370 -5.07 -7.58 33.15
N ARG A 371 -5.81 -7.65 32.06
CA ARG A 371 -6.34 -8.91 31.49
C ARG A 371 -5.23 -9.64 30.76
N PRO A 372 -5.16 -10.98 30.89
CA PRO A 372 -4.19 -11.77 30.14
C PRO A 372 -4.37 -11.54 28.64
N VAL A 373 -3.25 -11.29 27.97
CA VAL A 373 -3.17 -10.99 26.51
C VAL A 373 -3.58 -12.25 25.75
N SER A 374 -4.67 -12.16 24.99
CA SER A 374 -5.27 -13.28 24.22
C SER A 374 -4.78 -13.22 22.76
N PHE A 375 -3.49 -13.49 22.54
CA PHE A 375 -2.83 -13.30 21.21
C PHE A 375 -3.14 -14.52 20.33
N GLU A 376 -2.97 -15.72 20.88
CA GLU A 376 -3.07 -16.98 20.10
C GLU A 376 -4.43 -17.03 19.40
N PRO A 377 -5.55 -16.75 20.11
CA PRO A 377 -6.85 -16.83 19.46
C PRO A 377 -7.11 -15.73 18.42
N VAL A 378 -6.56 -14.52 18.56
CA VAL A 378 -6.82 -13.45 17.56
C VAL A 378 -5.98 -13.72 16.30
N VAL A 379 -4.83 -14.40 16.42
CA VAL A 379 -4.06 -14.89 15.25
C VAL A 379 -4.93 -15.89 14.46
N ARG A 380 -5.52 -16.88 15.13
CA ARG A 380 -6.47 -17.84 14.49
C ARG A 380 -7.64 -17.05 13.92
N ALA A 381 -8.21 -16.13 14.68
CA ALA A 381 -9.34 -15.33 14.17
C ALA A 381 -8.93 -14.56 12.89
N LEU A 382 -7.77 -13.87 12.90
CA LEU A 382 -7.17 -13.18 11.72
C LEU A 382 -7.01 -14.15 10.52
N PHE A 383 -6.37 -15.32 10.72
CA PHE A 383 -6.25 -16.41 9.71
C PHE A 383 -7.61 -16.67 9.06
N ALA A 384 -8.64 -16.92 9.88
CA ALA A 384 -10.00 -17.29 9.42
C ALA A 384 -10.59 -16.11 8.65
N ASP A 385 -10.26 -14.87 9.03
CA ASP A 385 -10.84 -13.67 8.39
C ASP A 385 -10.07 -13.37 7.10
N GLY A 386 -9.11 -14.22 6.74
CA GLY A 386 -8.45 -14.15 5.43
C GLY A 386 -7.20 -13.30 5.44
N PHE A 387 -6.76 -12.80 6.60
CA PHE A 387 -5.41 -12.16 6.69
C PHE A 387 -4.29 -13.20 6.51
N ASP A 388 -3.43 -12.93 5.53
CA ASP A 388 -2.37 -13.88 5.09
C ASP A 388 -1.00 -13.16 5.03
N VAL A 389 -0.94 -11.91 5.47
CA VAL A 389 0.36 -11.17 5.59
C VAL A 389 0.41 -10.45 6.93
N PHE A 390 1.40 -10.79 7.75
CA PHE A 390 1.53 -10.27 9.13
C PHE A 390 2.83 -9.46 9.19
N VAL A 391 2.72 -8.14 9.27
CA VAL A 391 3.89 -7.22 9.29
C VAL A 391 4.05 -6.77 10.73
N GLU A 392 5.10 -7.25 11.39
CA GLU A 392 5.46 -6.80 12.75
C GLU A 392 6.22 -5.48 12.65
N SER A 393 5.59 -4.39 13.09
CA SER A 393 6.10 -3.00 12.99
C SER A 393 7.06 -2.74 14.16
N SER A 394 8.17 -3.51 14.23
CA SER A 394 9.14 -3.60 15.36
C SER A 394 10.62 -3.60 14.89
N ALA A 395 11.55 -3.47 15.85
CA ALA A 395 12.99 -3.35 15.61
C ALA A 395 13.65 -4.74 15.65
N HIS A 396 13.00 -5.72 16.25
CA HIS A 396 13.44 -7.15 16.19
C HIS A 396 12.23 -8.06 16.33
N PRO A 397 12.11 -9.13 15.54
CA PRO A 397 10.86 -9.89 15.49
C PRO A 397 10.60 -10.67 16.79
N VAL A 398 9.55 -10.31 17.52
CA VAL A 398 9.21 -11.00 18.79
C VAL A 398 7.99 -11.91 18.59
N LEU A 399 7.15 -11.68 17.57
CA LEU A 399 5.89 -12.48 17.45
C LEU A 399 5.78 -13.26 16.11
N THR A 400 6.64 -12.97 15.12
CA THR A 400 6.48 -13.51 13.74
C THR A 400 6.67 -15.03 13.69
N TYR A 401 7.67 -15.57 14.38
CA TYR A 401 7.93 -17.03 14.39
C TYR A 401 6.75 -17.77 15.02
N GLY A 402 6.19 -17.24 16.11
CA GLY A 402 4.96 -17.75 16.76
C GLY A 402 3.81 -17.84 15.77
N ILE A 403 3.60 -16.75 15.00
CA ILE A 403 2.54 -16.66 13.96
C ILE A 403 2.81 -17.70 12.86
N SER A 404 4.05 -17.86 12.38
CA SER A 404 4.41 -18.93 11.41
C SER A 404 4.14 -20.34 11.98
N GLU A 405 4.46 -20.57 13.26
CA GLU A 405 4.32 -21.90 13.92
C GLU A 405 2.83 -22.25 14.02
N THR A 406 2.01 -21.25 14.37
CA THR A 406 0.53 -21.36 14.38
C THR A 406 -0.02 -21.65 12.97
N ALA A 407 0.49 -20.98 11.93
CA ALA A 407 0.04 -21.14 10.53
C ALA A 407 0.27 -22.57 10.04
N GLU A 408 1.38 -23.21 10.43
CA GLU A 408 1.79 -24.53 9.85
C GLU A 408 1.06 -25.66 10.60
N ALA A 409 0.95 -25.54 11.92
CA ALA A 409 0.06 -26.34 12.78
C ALA A 409 -1.39 -26.34 12.26
N ALA A 410 -1.75 -25.36 11.42
CA ALA A 410 -3.15 -25.19 10.94
C ALA A 410 -3.21 -25.36 9.42
N GLY A 411 -2.07 -25.61 8.77
CA GLY A 411 -1.95 -25.88 7.32
C GLY A 411 -2.19 -24.64 6.46
N ARG A 412 -2.04 -23.46 7.06
CA ARG A 412 -2.29 -22.17 6.37
C ARG A 412 -1.00 -21.64 5.76
N GLU A 413 -1.15 -21.03 4.59
CA GLU A 413 -0.10 -20.27 3.88
C GLU A 413 -0.22 -18.79 4.28
N VAL A 414 0.62 -18.32 5.20
CA VAL A 414 0.73 -16.85 5.50
C VAL A 414 2.20 -16.41 5.48
N LEU A 415 2.44 -15.09 5.35
CA LEU A 415 3.77 -14.51 5.58
C LEU A 415 3.74 -13.71 6.88
N ALA A 416 4.56 -14.09 7.85
CA ALA A 416 4.84 -13.30 9.06
C ALA A 416 6.20 -12.64 8.88
N GLN A 417 6.20 -11.34 8.61
CA GLN A 417 7.39 -10.57 8.15
C GLN A 417 7.70 -9.54 9.22
N GLY A 418 8.91 -9.64 9.80
CA GLY A 418 9.53 -8.61 10.65
C GLY A 418 9.99 -7.43 9.82
N THR A 419 10.27 -6.29 10.48
CA THR A 419 10.77 -5.02 9.88
C THR A 419 12.29 -4.97 10.04
N LEU A 420 12.81 -4.69 11.23
CA LEU A 420 14.29 -4.69 11.48
C LEU A 420 14.66 -5.91 12.34
N ARG A 421 15.97 -6.16 12.50
CA ARG A 421 16.51 -7.19 13.42
C ARG A 421 17.65 -6.60 14.25
N ARG A 422 17.94 -7.22 15.40
CA ARG A 422 19.21 -6.97 16.15
C ARG A 422 20.35 -6.79 15.15
N GLU A 423 21.00 -5.63 15.21
CA GLU A 423 22.27 -5.27 14.50
C GLU A 423 22.04 -5.00 13.01
N GLU A 424 20.81 -5.03 12.53
CA GLU A 424 20.42 -4.71 11.12
C GLU A 424 19.25 -3.71 11.09
N GLY A 425 19.50 -2.40 11.08
CA GLY A 425 18.47 -1.39 11.39
C GLY A 425 18.41 -0.22 10.41
N GLY A 426 18.82 -0.45 9.15
CA GLY A 426 18.89 0.57 8.10
C GLY A 426 18.09 0.17 6.84
N LEU A 427 18.27 0.90 5.74
CA LEU A 427 17.40 0.76 4.54
C LEU A 427 17.60 -0.63 3.92
N ALA A 428 18.82 -1.13 3.97
CA ALA A 428 19.09 -2.50 3.45
C ALA A 428 18.12 -3.50 4.11
N ARG A 429 17.96 -3.43 5.43
CA ARG A 429 17.04 -4.35 6.15
C ARG A 429 15.58 -4.04 5.79
N PHE A 430 15.18 -2.77 5.82
CA PHE A 430 13.79 -2.37 5.49
C PHE A 430 13.41 -2.91 4.12
N TYR A 431 14.28 -2.72 3.14
CA TYR A 431 14.03 -3.08 1.73
C TYR A 431 13.93 -4.61 1.62
N SER A 432 14.73 -5.34 2.38
CA SER A 432 14.66 -6.83 2.40
C SER A 432 13.29 -7.23 2.93
N SER A 433 12.82 -6.57 3.98
CA SER A 433 11.51 -6.88 4.63
C SER A 433 10.37 -6.45 3.70
N LEU A 434 10.52 -5.27 3.09
CA LEU A 434 9.64 -4.76 2.02
C LEU A 434 9.58 -5.76 0.85
N ALA A 435 10.72 -6.31 0.42
CA ALA A 435 10.78 -7.34 -0.63
C ALA A 435 10.11 -8.66 -0.18
N GLY A 436 10.15 -9.02 1.11
CA GLY A 436 9.49 -10.23 1.63
C GLY A 436 8.01 -10.26 1.29
N VAL A 437 7.41 -9.10 1.37
CA VAL A 437 5.95 -8.87 1.27
C VAL A 437 5.59 -8.65 -0.20
N TRP A 438 6.41 -7.90 -0.96
CA TRP A 438 6.21 -7.70 -2.42
C TRP A 438 6.31 -9.05 -3.13
N THR A 439 7.31 -9.85 -2.83
CA THR A 439 7.56 -11.11 -3.56
C THR A 439 6.44 -12.12 -3.31
N ARG A 440 5.58 -11.89 -2.30
CA ARG A 440 4.47 -12.82 -1.96
C ARG A 440 3.12 -12.20 -2.34
N GLY A 441 3.14 -10.99 -2.91
CA GLY A 441 2.03 -10.44 -3.71
C GLY A 441 1.38 -9.20 -3.12
N VAL A 442 2.01 -8.60 -2.10
CA VAL A 442 1.62 -7.25 -1.60
C VAL A 442 2.09 -6.18 -2.60
N ASP A 443 1.20 -5.29 -2.98
CA ASP A 443 1.52 -4.13 -3.84
C ASP A 443 2.46 -3.18 -3.06
N VAL A 444 3.53 -2.72 -3.71
CA VAL A 444 4.58 -1.84 -3.11
C VAL A 444 4.87 -0.70 -4.10
N ASP A 445 5.11 0.49 -3.58
CA ASP A 445 5.42 1.69 -4.39
C ASP A 445 6.95 1.78 -4.48
N TRP A 446 7.55 0.86 -5.21
CA TRP A 446 9.04 0.77 -5.27
C TRP A 446 9.60 2.09 -5.81
N ALA A 447 8.83 2.79 -6.66
CA ALA A 447 9.22 4.05 -7.33
C ALA A 447 9.62 5.08 -6.27
N GLY A 448 8.96 5.04 -5.11
CA GLY A 448 9.21 5.96 -3.97
C GLY A 448 10.61 5.85 -3.39
N ALA A 449 11.36 4.80 -3.71
CA ALA A 449 12.74 4.57 -3.20
C ALA A 449 13.71 5.60 -3.81
N PHE A 450 13.27 6.25 -4.89
CA PHE A 450 14.16 7.08 -5.75
C PHE A 450 13.73 8.55 -5.70
N ALA A 451 12.75 8.90 -4.86
CA ALA A 451 12.08 10.22 -4.83
C ALA A 451 13.11 11.29 -4.51
N GLY A 452 13.02 12.45 -5.17
CA GLY A 452 13.85 13.65 -4.99
C GLY A 452 15.23 13.55 -5.65
N ARG A 453 15.53 12.49 -6.41
CA ARG A 453 16.91 12.22 -6.87
C ARG A 453 17.11 12.74 -8.29
N GLY A 454 16.02 13.22 -8.90
CA GLY A 454 15.96 13.47 -10.35
C GLY A 454 16.30 12.23 -11.17
N ALA A 455 15.90 11.05 -10.74
CA ALA A 455 16.10 9.85 -11.58
C ALA A 455 15.25 10.03 -12.82
N ARG A 456 15.72 9.48 -13.94
CA ARG A 456 15.03 9.42 -15.25
C ARG A 456 14.72 7.96 -15.57
N VAL A 457 13.65 7.73 -16.31
CA VAL A 457 13.34 6.40 -16.90
C VAL A 457 14.22 6.23 -18.13
N VAL A 458 14.93 5.11 -18.19
CA VAL A 458 15.90 4.77 -19.27
C VAL A 458 15.46 3.43 -19.87
N ASP A 459 15.99 3.14 -21.05
CA ASP A 459 15.75 1.92 -21.85
C ASP A 459 16.45 0.77 -21.15
N LEU A 460 15.69 -0.33 -21.01
CA LEU A 460 16.10 -1.57 -20.31
C LEU A 460 16.16 -2.69 -21.34
N PRO A 461 17.09 -3.66 -21.22
CA PRO A 461 17.00 -4.86 -22.04
C PRO A 461 15.62 -5.48 -21.81
N THR A 462 14.96 -5.87 -22.90
CA THR A 462 13.74 -6.72 -22.91
C THR A 462 14.20 -8.19 -22.92
N TYR A 463 13.50 -9.13 -22.29
CA TYR A 463 13.84 -10.59 -22.32
C TYR A 463 12.54 -11.42 -22.45
N ALA A 464 12.39 -12.12 -23.59
CA ALA A 464 11.27 -13.01 -23.96
C ALA A 464 9.93 -12.23 -23.98
N PHE A 465 9.98 -10.91 -23.72
CA PHE A 465 8.82 -10.00 -23.61
C PHE A 465 9.35 -8.58 -23.41
N GLN A 466 8.53 -7.56 -23.72
CA GLN A 466 8.80 -6.09 -23.56
C GLN A 466 9.49 -5.53 -24.82
N ALA B 23 -8.92 15.30 8.37
CA ALA B 23 -8.93 14.12 7.45
C ALA B 23 -10.32 13.98 6.81
N PRO B 24 -10.51 14.44 5.55
CA PRO B 24 -11.83 14.40 4.91
C PRO B 24 -12.25 12.96 4.59
N ALA B 25 -13.56 12.70 4.52
CA ALA B 25 -14.05 11.32 4.31
C ALA B 25 -14.71 11.13 2.95
N LEU B 26 -14.55 9.94 2.34
CA LEU B 26 -15.23 9.59 1.07
C LEU B 26 -16.67 10.12 1.06
N ALA B 27 -17.43 9.83 2.13
CA ALA B 27 -18.90 10.02 2.20
C ALA B 27 -19.31 10.76 3.47
N GLU B 28 -20.25 11.69 3.34
CA GLU B 28 -21.01 12.27 4.49
C GLU B 28 -21.71 11.12 5.20
N VAL B 29 -21.63 11.14 6.54
CA VAL B 29 -22.32 10.22 7.47
C VAL B 29 -23.78 10.04 7.07
N LEU B 30 -24.45 11.11 6.63
CA LEU B 30 -25.92 11.13 6.34
C LEU B 30 -26.20 10.52 4.97
N ALA B 31 -25.17 10.35 4.13
CA ALA B 31 -25.32 9.92 2.72
C ALA B 31 -25.73 8.46 2.70
N PRO B 32 -26.87 8.12 2.07
CA PRO B 32 -27.40 6.77 2.14
C PRO B 32 -26.50 5.69 1.49
N THR B 33 -25.76 6.03 0.44
CA THR B 33 -24.99 5.07 -0.41
C THR B 33 -23.79 4.45 0.33
N VAL B 34 -23.77 3.12 0.44
CA VAL B 34 -22.58 2.34 0.90
C VAL B 34 -22.34 1.18 -0.08
N PRO B 35 -21.09 0.73 -0.23
CA PRO B 35 -20.78 -0.44 -1.04
C PRO B 35 -20.57 -1.67 -0.17
N TRP B 36 -21.06 -2.81 -0.64
CA TRP B 36 -20.81 -4.13 -0.05
C TRP B 36 -19.91 -4.97 -0.96
N PRO B 37 -18.62 -5.15 -0.67
CA PRO B 37 -17.78 -6.06 -1.47
C PRO B 37 -17.98 -7.53 -1.05
N LEU B 38 -18.10 -8.43 -2.01
CA LEU B 38 -18.07 -9.91 -1.77
C LEU B 38 -17.05 -10.56 -2.70
N SER B 39 -16.55 -11.74 -2.37
CA SER B 39 -15.69 -12.52 -3.28
C SER B 39 -15.73 -14.00 -2.93
N GLY B 40 -15.63 -14.87 -3.94
CA GLY B 40 -15.67 -16.33 -3.82
C GLY B 40 -14.56 -16.99 -4.62
N LYS B 41 -14.25 -18.25 -4.28
CA LYS B 41 -13.21 -19.07 -4.95
C LYS B 41 -13.61 -19.27 -6.39
N ASN B 42 -14.90 -19.08 -6.74
CA ASN B 42 -15.50 -19.43 -8.05
C ASN B 42 -16.91 -18.84 -8.16
N PRO B 43 -17.47 -18.67 -9.39
CA PRO B 43 -18.71 -17.91 -9.55
C PRO B 43 -19.84 -18.48 -8.68
N GLY B 44 -19.92 -19.80 -8.55
CA GLY B 44 -21.01 -20.51 -7.85
C GLY B 44 -20.98 -20.25 -6.36
N ALA B 45 -19.78 -20.21 -5.74
CA ALA B 45 -19.57 -19.82 -4.33
C ALA B 45 -19.95 -18.35 -4.13
N LEU B 46 -19.60 -17.50 -5.10
CA LEU B 46 -19.94 -16.06 -5.02
C LEU B 46 -21.45 -15.92 -4.98
N GLN B 47 -22.17 -16.51 -5.94
CA GLN B 47 -23.66 -16.40 -5.99
C GLN B 47 -24.26 -17.13 -4.78
N GLY B 48 -23.61 -18.21 -4.32
CA GLY B 48 -23.99 -18.94 -3.08
C GLY B 48 -23.84 -18.07 -1.84
N GLN B 49 -22.73 -17.36 -1.73
CA GLN B 49 -22.46 -16.43 -0.62
C GLN B 49 -23.48 -15.27 -0.67
N ALA B 50 -23.76 -14.73 -1.86
CA ALA B 50 -24.73 -13.62 -2.05
C ALA B 50 -26.09 -14.05 -1.48
N ALA B 51 -26.59 -15.22 -1.90
CA ALA B 51 -27.95 -15.72 -1.56
C ALA B 51 -28.02 -16.02 -0.06
N ARG B 52 -26.92 -16.53 0.51
CA ARG B 52 -26.84 -16.77 1.99
C ARG B 52 -26.93 -15.44 2.74
N LEU B 53 -26.30 -14.38 2.21
CA LEU B 53 -26.18 -13.08 2.89
C LEU B 53 -27.54 -12.37 2.84
N ALA B 54 -28.25 -12.47 1.71
CA ALA B 54 -29.59 -11.91 1.53
C ALA B 54 -30.56 -12.61 2.48
N ALA B 55 -30.41 -13.92 2.69
CA ALA B 55 -31.27 -14.69 3.61
C ALA B 55 -31.04 -14.16 5.03
N HIS B 56 -29.80 -13.83 5.38
CA HIS B 56 -29.42 -13.29 6.70
C HIS B 56 -30.09 -11.93 6.86
N LEU B 57 -29.96 -11.06 5.87
CA LEU B 57 -30.49 -9.67 5.90
C LEU B 57 -32.01 -9.73 6.01
N ALA B 58 -32.67 -10.67 5.30
CA ALA B 58 -34.15 -10.78 5.21
C ALA B 58 -34.76 -11.18 6.57
N GLU B 59 -34.11 -12.08 7.31
CA GLU B 59 -34.52 -12.56 8.67
C GLU B 59 -34.59 -11.39 9.68
N ASP B 60 -33.64 -10.44 9.65
CA ASP B 60 -33.50 -9.38 10.70
C ASP B 60 -33.56 -7.97 10.06
N HIS B 61 -34.63 -7.21 10.36
CA HIS B 61 -34.85 -5.79 9.95
C HIS B 61 -33.99 -4.88 10.84
N ASP B 62 -33.33 -5.43 11.86
CA ASP B 62 -32.52 -4.67 12.86
C ASP B 62 -31.05 -4.50 12.38
N LEU B 63 -30.62 -5.24 11.35
CA LEU B 63 -29.21 -5.26 10.90
C LEU B 63 -28.86 -3.91 10.25
N SER B 64 -27.84 -3.22 10.76
CA SER B 64 -27.25 -2.01 10.14
C SER B 64 -26.53 -2.35 8.82
N LEU B 65 -26.91 -1.69 7.73
CA LEU B 65 -26.26 -1.89 6.42
C LEU B 65 -24.81 -1.46 6.58
N SER B 66 -24.51 -0.55 7.51
CA SER B 66 -23.13 -0.03 7.63
C SER B 66 -22.27 -1.03 8.43
N ASP B 67 -22.86 -1.75 9.38
CA ASP B 67 -22.16 -2.83 10.12
C ASP B 67 -21.78 -3.96 9.14
N LEU B 68 -22.74 -4.37 8.29
CA LEU B 68 -22.57 -5.50 7.34
C LEU B 68 -21.59 -5.08 6.25
N GLY B 69 -21.67 -3.81 5.85
CA GLY B 69 -20.69 -3.18 4.96
C GLY B 69 -19.28 -3.32 5.51
N LEU B 70 -19.04 -2.75 6.68
CA LEU B 70 -17.68 -2.77 7.29
C LEU B 70 -17.26 -4.23 7.53
N SER B 71 -18.19 -5.08 7.96
CA SER B 71 -17.93 -6.52 8.22
C SER B 71 -17.46 -7.20 6.93
N LEU B 72 -18.15 -6.97 5.80
CA LEU B 72 -17.75 -7.53 4.48
C LEU B 72 -16.40 -6.97 4.06
N ALA B 73 -16.10 -5.70 4.37
CA ALA B 73 -14.83 -5.09 3.96
C ALA B 73 -13.65 -5.72 4.71
N THR B 74 -13.85 -6.22 5.94
CA THR B 74 -12.72 -6.42 6.89
C THR B 74 -12.51 -7.90 7.21
N THR B 75 -13.58 -8.71 7.31
CA THR B 75 -13.53 -10.06 7.94
C THR B 75 -13.57 -11.17 6.87
N ARG B 76 -13.65 -10.86 5.58
CA ARG B 76 -13.84 -11.91 4.56
C ARG B 76 -12.55 -12.02 3.75
N ALA B 77 -12.12 -13.24 3.40
CA ALA B 77 -10.96 -13.43 2.51
C ALA B 77 -11.16 -12.65 1.21
N ARG B 78 -10.04 -12.30 0.58
CA ARG B 78 -10.00 -11.59 -0.71
C ARG B 78 -9.78 -12.64 -1.80
N LEU B 79 -10.82 -12.93 -2.62
CA LEU B 79 -10.84 -14.09 -3.54
C LEU B 79 -11.01 -13.64 -5.00
N GLU B 80 -10.78 -14.54 -5.94
CA GLU B 80 -10.69 -14.20 -7.39
C GLU B 80 -12.02 -13.62 -7.88
N HIS B 81 -13.14 -14.29 -7.60
CA HIS B 81 -14.43 -13.96 -8.27
C HIS B 81 -15.20 -12.97 -7.37
N ARG B 82 -15.49 -11.77 -7.90
CA ARG B 82 -15.79 -10.57 -7.08
C ARG B 82 -17.07 -9.88 -7.57
N ALA B 83 -17.78 -9.27 -6.64
CA ALA B 83 -18.97 -8.44 -6.91
C ALA B 83 -18.98 -7.30 -5.89
N VAL B 84 -19.58 -6.17 -6.23
CA VAL B 84 -19.92 -5.11 -5.24
C VAL B 84 -21.39 -4.76 -5.42
N VAL B 85 -22.14 -4.72 -4.32
CA VAL B 85 -23.52 -4.17 -4.32
C VAL B 85 -23.47 -2.73 -3.82
N VAL B 86 -23.91 -1.80 -4.67
CA VAL B 86 -24.05 -0.36 -4.33
C VAL B 86 -25.51 -0.13 -3.95
N LEU B 87 -25.76 0.37 -2.73
CA LEU B 87 -27.11 0.29 -2.09
C LEU B 87 -27.30 1.49 -1.15
N GLY B 88 -28.50 2.08 -1.14
CA GLY B 88 -28.87 3.12 -0.15
C GLY B 88 -30.07 2.72 0.69
N SER B 89 -30.29 1.41 0.90
CA SER B 89 -31.57 0.85 1.41
C SER B 89 -31.50 -0.69 1.51
N ARG B 90 -32.34 -1.26 2.40
CA ARG B 90 -32.50 -2.73 2.53
C ARG B 90 -32.94 -3.28 1.17
N GLU B 91 -33.85 -2.56 0.52
CA GLU B 91 -34.48 -3.00 -0.74
C GLU B 91 -33.37 -3.20 -1.78
N GLU B 92 -32.49 -2.22 -1.95
CA GLU B 92 -31.44 -2.25 -3.00
C GLU B 92 -30.42 -3.33 -2.67
N ALA B 93 -30.18 -3.60 -1.38
CA ALA B 93 -29.32 -4.70 -0.88
C ALA B 93 -29.85 -6.07 -1.28
N LEU B 94 -31.09 -6.40 -0.93
CA LEU B 94 -31.76 -7.69 -1.27
C LEU B 94 -31.85 -7.80 -2.80
N GLY B 95 -32.20 -6.70 -3.47
CA GLY B 95 -32.23 -6.64 -4.93
C GLY B 95 -30.90 -7.06 -5.51
N GLY B 96 -29.83 -6.32 -5.20
CA GLY B 96 -28.46 -6.69 -5.60
C GLY B 96 -28.16 -8.16 -5.33
N LEU B 97 -28.36 -8.61 -4.10
CA LEU B 97 -27.92 -9.94 -3.62
C LEU B 97 -28.80 -11.03 -4.24
N GLY B 98 -30.10 -10.77 -4.41
CA GLY B 98 -31.02 -11.72 -5.06
C GLY B 98 -30.60 -11.98 -6.51
N ALA B 99 -30.24 -10.90 -7.20
CA ALA B 99 -29.78 -10.88 -8.60
C ALA B 99 -28.46 -11.66 -8.71
N LEU B 100 -27.50 -11.25 -7.88
CA LEU B 100 -26.17 -11.88 -7.77
C LEU B 100 -26.36 -13.37 -7.48
N GLY B 101 -27.31 -13.73 -6.62
CA GLY B 101 -27.56 -15.13 -6.22
C GLY B 101 -28.20 -15.95 -7.33
N GLU B 102 -28.86 -15.31 -8.30
CA GLU B 102 -29.55 -15.95 -9.45
C GLU B 102 -28.80 -15.63 -10.76
N GLN B 103 -27.49 -15.33 -10.68
CA GLN B 103 -26.60 -14.94 -11.82
C GLN B 103 -27.33 -14.01 -12.80
N MET B 104 -28.13 -13.05 -12.34
CA MET B 104 -28.85 -12.08 -13.19
C MET B 104 -28.26 -10.69 -13.03
N PRO B 105 -27.92 -9.95 -14.11
CA PRO B 105 -27.47 -8.57 -13.97
C PRO B 105 -28.51 -7.74 -13.19
N ALA B 106 -28.01 -6.72 -12.50
CA ALA B 106 -28.79 -5.65 -11.83
C ALA B 106 -28.03 -4.35 -12.02
N GLY B 107 -28.71 -3.23 -11.89
CA GLY B 107 -28.10 -1.92 -12.17
C GLY B 107 -27.07 -1.58 -11.11
N ASN B 108 -27.21 -2.14 -9.90
CA ASN B 108 -26.46 -1.69 -8.69
C ASN B 108 -25.49 -2.81 -8.30
N VAL B 109 -25.16 -3.70 -9.23
CA VAL B 109 -24.20 -4.80 -8.99
C VAL B 109 -23.11 -4.75 -10.05
N VAL B 110 -21.85 -4.63 -9.62
CA VAL B 110 -20.67 -4.79 -10.54
C VAL B 110 -19.98 -6.10 -10.20
N THR B 111 -19.68 -6.93 -11.20
CA THR B 111 -18.97 -8.22 -11.01
C THR B 111 -17.72 -8.26 -11.90
N GLY B 112 -16.70 -9.00 -11.48
CA GLY B 112 -15.58 -9.38 -12.33
C GLY B 112 -14.66 -10.34 -11.63
N ALA B 113 -13.71 -10.89 -12.37
CA ALA B 113 -12.63 -11.76 -11.87
C ALA B 113 -11.35 -10.93 -11.71
N ALA B 114 -10.56 -11.18 -10.68
CA ALA B 114 -9.38 -10.37 -10.32
C ALA B 114 -8.16 -10.92 -11.06
N ASP B 115 -8.13 -10.69 -12.38
CA ASP B 115 -7.16 -11.38 -13.28
C ASP B 115 -6.21 -10.33 -13.87
N LEU B 116 -6.28 -9.09 -13.39
CA LEU B 116 -5.34 -8.00 -13.76
C LEU B 116 -4.36 -7.77 -12.61
N SER B 117 -3.18 -7.29 -12.92
CA SER B 117 -2.12 -6.92 -11.94
C SER B 117 -2.54 -5.65 -11.22
N GLY B 118 -3.30 -4.81 -11.92
CA GLY B 118 -3.82 -3.53 -11.38
C GLY B 118 -2.77 -2.43 -11.37
N LYS B 119 -1.78 -2.53 -12.25
CA LYS B 119 -0.86 -1.37 -12.44
C LYS B 119 -1.77 -0.31 -13.05
N THR B 120 -1.93 0.84 -12.38
CA THR B 120 -2.94 1.82 -12.83
C THR B 120 -2.35 3.08 -13.46
N VAL B 121 -2.93 3.53 -14.59
CA VAL B 121 -2.51 4.81 -15.20
C VAL B 121 -3.75 5.72 -15.21
N PHE B 122 -3.62 6.95 -14.73
CA PHE B 122 -4.77 7.89 -14.69
C PHE B 122 -4.85 8.66 -16.02
N VAL B 123 -6.02 8.65 -16.65
CA VAL B 123 -6.18 9.33 -17.97
C VAL B 123 -6.86 10.68 -17.77
N PHE B 124 -6.31 11.74 -18.35
CA PHE B 124 -6.88 13.10 -18.22
C PHE B 124 -7.29 13.62 -19.61
N PRO B 125 -8.55 13.47 -20.10
CA PRO B 125 -8.92 14.00 -21.40
C PRO B 125 -9.08 15.52 -21.37
N GLY B 126 -9.30 16.15 -22.52
CA GLY B 126 -9.76 17.54 -22.66
C GLY B 126 -11.29 17.64 -22.72
N GLN B 127 -11.81 18.48 -23.62
CA GLN B 127 -13.26 18.80 -23.66
C GLN B 127 -14.04 17.59 -24.14
N GLY B 128 -15.34 17.54 -23.84
CA GLY B 128 -16.18 16.38 -24.21
C GLY B 128 -16.80 15.71 -23.00
N SER B 129 -16.16 15.81 -21.82
CA SER B 129 -16.65 15.12 -20.60
C SER B 129 -17.63 15.98 -19.83
N GLN B 130 -17.81 17.25 -20.20
CA GLN B 130 -18.65 18.18 -19.41
C GLN B 130 -20.15 17.86 -19.50
N TRP B 131 -20.87 18.00 -18.37
CA TRP B 131 -22.35 17.86 -18.39
C TRP B 131 -22.92 18.77 -17.29
N ALA B 132 -24.16 19.24 -17.43
CA ALA B 132 -24.72 20.20 -16.45
C ALA B 132 -24.83 19.54 -15.07
N GLY B 133 -24.40 20.25 -14.02
CA GLY B 133 -24.41 19.68 -12.66
C GLY B 133 -23.53 18.44 -12.54
N MET B 134 -22.37 18.45 -13.20
CA MET B 134 -21.49 17.24 -13.21
C MET B 134 -20.97 16.89 -11.82
N ALA B 135 -20.57 17.87 -11.00
CA ALA B 135 -19.94 17.54 -9.70
C ALA B 135 -20.78 18.03 -8.54
N VAL B 136 -22.09 18.22 -8.75
CA VAL B 136 -22.96 18.83 -7.70
C VAL B 136 -23.20 17.77 -6.62
N GLU B 137 -23.55 16.54 -7.01
CA GLU B 137 -23.88 15.46 -6.04
C GLU B 137 -22.65 15.18 -5.17
N LEU B 138 -21.45 15.19 -5.77
CA LEU B 138 -20.19 14.91 -5.02
C LEU B 138 -19.81 16.09 -4.10
N LEU B 139 -20.04 17.35 -4.48
CA LEU B 139 -19.82 18.52 -3.57
C LEU B 139 -20.72 18.36 -2.34
N ASP B 140 -21.98 17.94 -2.55
CA ASP B 140 -23.05 17.92 -1.52
C ASP B 140 -22.85 16.71 -0.57
N SER B 141 -22.07 15.69 -0.94
CA SER B 141 -22.14 14.37 -0.28
C SER B 141 -20.78 13.65 -0.16
N SER B 142 -19.68 14.16 -0.71
CA SER B 142 -18.31 13.61 -0.52
C SER B 142 -17.34 14.66 0.01
N PRO B 143 -17.03 14.67 1.34
CA PRO B 143 -16.22 15.74 1.93
C PRO B 143 -14.85 15.86 1.26
N VAL B 144 -14.25 14.72 0.90
CA VAL B 144 -12.92 14.64 0.25
C VAL B 144 -12.97 15.39 -1.08
N PHE B 145 -13.97 15.06 -1.91
CA PHE B 145 -14.20 15.71 -3.22
C PHE B 145 -14.48 17.21 -3.02
N ALA B 146 -15.29 17.59 -2.03
CA ALA B 146 -15.60 19.00 -1.71
C ALA B 146 -14.32 19.72 -1.28
N ALA B 147 -13.50 19.10 -0.43
CA ALA B 147 -12.30 19.75 0.13
C ALA B 147 -11.28 19.97 -1.00
N ARG B 148 -11.11 19.00 -1.89
CA ARG B 148 -10.15 19.10 -3.02
C ARG B 148 -10.72 20.08 -4.06
N PHE B 149 -12.03 20.09 -4.25
CA PHE B 149 -12.65 21.01 -5.24
C PHE B 149 -12.45 22.47 -4.78
N ALA B 150 -12.61 22.74 -3.49
CA ALA B 150 -12.35 24.06 -2.88
C ALA B 150 -10.87 24.46 -3.08
N GLU B 151 -9.94 23.55 -2.88
CA GLU B 151 -8.48 23.84 -2.91
C GLU B 151 -8.07 24.17 -4.35
N VAL B 152 -8.58 23.43 -5.34
CA VAL B 152 -8.21 23.57 -6.77
C VAL B 152 -8.87 24.80 -7.35
N ALA B 153 -10.19 24.97 -7.15
CA ALA B 153 -10.99 26.17 -7.50
C ALA B 153 -10.31 27.43 -6.95
N GLY B 154 -9.83 27.39 -5.70
CA GLY B 154 -9.23 28.57 -5.06
C GLY B 154 -7.98 29.01 -5.80
N ALA B 155 -7.23 28.04 -6.34
CA ALA B 155 -6.01 28.29 -7.12
C ALA B 155 -6.41 28.91 -8.45
N VAL B 156 -7.48 28.41 -9.06
CA VAL B 156 -8.02 28.95 -10.34
C VAL B 156 -8.48 30.39 -10.08
N GLU B 157 -9.19 30.64 -8.97
CA GLU B 157 -9.91 31.93 -8.68
C GLU B 157 -8.94 33.06 -8.30
N ALA B 158 -7.65 32.74 -8.12
CA ALA B 158 -6.56 33.75 -8.07
C ALA B 158 -6.41 34.47 -9.42
N TYR B 159 -6.97 33.91 -10.51
CA TYR B 159 -6.69 34.33 -11.89
C TYR B 159 -7.99 34.69 -12.64
N VAL B 160 -9.16 34.47 -12.04
CA VAL B 160 -10.49 34.86 -12.63
C VAL B 160 -11.34 35.58 -11.57
N ASP B 161 -12.43 36.21 -12.03
CA ASP B 161 -13.37 37.06 -11.25
C ASP B 161 -14.65 36.27 -10.95
N TRP B 162 -14.77 35.06 -11.51
CA TRP B 162 -15.95 34.17 -11.36
C TRP B 162 -15.62 33.01 -10.41
N SER B 163 -16.65 32.28 -9.99
CA SER B 163 -16.58 31.14 -9.05
C SER B 163 -16.82 29.83 -9.81
N VAL B 164 -15.92 28.86 -9.67
CA VAL B 164 -16.00 27.52 -10.33
C VAL B 164 -17.21 26.76 -9.76
N GLU B 165 -17.46 26.91 -8.44
CA GLU B 165 -18.60 26.24 -7.75
C GLU B 165 -19.90 26.76 -8.37
N SER B 166 -20.05 28.09 -8.42
CA SER B 166 -21.20 28.80 -9.04
C SER B 166 -21.43 28.26 -10.46
N VAL B 167 -20.39 28.16 -11.28
CA VAL B 167 -20.54 27.66 -12.68
C VAL B 167 -21.07 26.23 -12.62
N VAL B 168 -20.52 25.38 -11.75
CA VAL B 168 -20.80 23.92 -11.74
C VAL B 168 -22.24 23.72 -11.23
N ARG B 169 -22.68 24.62 -10.35
CA ARG B 169 -23.99 24.53 -9.64
C ARG B 169 -25.09 25.13 -10.49
N GLY B 170 -24.74 25.97 -11.46
CA GLY B 170 -25.70 26.63 -12.37
C GLY B 170 -26.31 27.92 -11.81
N ALA B 171 -25.67 28.55 -10.82
CA ALA B 171 -26.07 29.88 -10.26
C ALA B 171 -26.27 30.88 -11.43
N ASP B 172 -27.32 31.72 -11.33
CA ASP B 172 -27.84 32.64 -12.39
C ASP B 172 -26.74 33.58 -12.88
N GLU B 173 -25.96 34.14 -11.95
CA GLU B 173 -24.90 35.16 -12.16
C GLU B 173 -23.67 34.54 -12.87
N ALA B 174 -23.57 33.20 -12.90
CA ALA B 174 -22.34 32.47 -13.26
C ALA B 174 -22.19 32.44 -14.77
N PRO B 175 -20.96 32.61 -15.31
CA PRO B 175 -20.76 32.54 -16.75
C PRO B 175 -21.07 31.15 -17.29
N SER B 176 -21.15 31.06 -18.62
CA SER B 176 -21.63 29.90 -19.39
C SER B 176 -20.46 28.96 -19.67
N LEU B 177 -20.68 27.64 -19.54
CA LEU B 177 -19.70 26.56 -19.89
C LEU B 177 -19.43 26.51 -21.39
N ASP B 178 -20.32 27.07 -22.20
CA ASP B 178 -20.18 27.14 -23.67
C ASP B 178 -18.86 27.83 -24.01
N ARG B 179 -18.41 28.77 -23.17
CA ARG B 179 -17.22 29.59 -23.46
C ARG B 179 -15.97 28.78 -23.07
N ILE B 180 -15.01 28.69 -23.99
CA ILE B 180 -13.82 27.80 -23.87
C ILE B 180 -13.03 28.18 -22.60
N GLU B 181 -13.14 29.45 -22.20
CA GLU B 181 -12.26 30.08 -21.18
C GLU B 181 -12.89 29.89 -19.79
N ILE B 182 -14.16 29.46 -19.75
CA ILE B 182 -14.84 28.99 -18.49
C ILE B 182 -14.72 27.46 -18.40
N LEU B 183 -14.94 26.76 -19.52
CA LEU B 183 -15.01 25.28 -19.55
C LEU B 183 -13.66 24.70 -19.12
N GLN B 184 -12.55 25.14 -19.71
CA GLN B 184 -11.26 24.43 -19.51
C GLN B 184 -10.93 24.44 -18.01
N PRO B 185 -11.01 25.60 -17.31
CA PRO B 185 -10.63 25.66 -15.90
C PRO B 185 -11.60 24.87 -15.01
N VAL B 186 -12.87 24.85 -15.38
CA VAL B 186 -13.91 24.06 -14.68
C VAL B 186 -13.60 22.58 -14.86
N LEU B 187 -13.26 22.16 -16.08
CA LEU B 187 -12.91 20.75 -16.36
C LEU B 187 -11.61 20.39 -15.63
N PHE B 188 -10.68 21.35 -15.55
CA PHE B 188 -9.43 21.21 -14.75
C PHE B 188 -9.83 20.92 -13.29
N THR B 189 -10.71 21.73 -12.72
CA THR B 189 -11.08 21.60 -11.31
C THR B 189 -11.68 20.20 -11.11
N VAL B 190 -12.64 19.84 -11.96
CA VAL B 190 -13.46 18.61 -11.76
C VAL B 190 -12.53 17.39 -11.85
N MET B 191 -11.64 17.37 -12.84
CA MET B 191 -10.76 16.20 -13.08
C MET B 191 -9.81 15.99 -11.90
N VAL B 192 -9.12 17.06 -11.49
CA VAL B 192 -8.08 17.01 -10.42
C VAL B 192 -8.76 16.56 -9.12
N SER B 193 -9.96 17.09 -8.85
CA SER B 193 -10.76 16.73 -7.65
C SER B 193 -11.15 15.25 -7.68
N LEU B 194 -11.62 14.76 -8.83
CA LEU B 194 -12.01 13.35 -9.00
C LEU B 194 -10.80 12.44 -8.72
N ALA B 195 -9.59 12.87 -9.12
CA ALA B 195 -8.35 12.09 -8.86
C ALA B 195 -8.21 11.86 -7.35
N ALA B 196 -8.49 12.88 -6.55
CA ALA B 196 -8.32 12.85 -5.08
C ALA B 196 -9.38 11.93 -4.48
N LEU B 197 -10.55 11.82 -5.11
CA LEU B 197 -11.64 10.90 -4.66
C LEU B 197 -11.17 9.45 -4.78
N TRP B 198 -10.66 9.04 -5.96
CA TRP B 198 -9.97 7.73 -6.16
C TRP B 198 -8.90 7.50 -5.07
N ARG B 199 -8.03 8.50 -4.83
CA ARG B 199 -6.85 8.39 -3.92
C ARG B 199 -7.31 8.11 -2.49
N ALA B 200 -8.44 8.70 -2.09
CA ALA B 200 -9.10 8.50 -0.78
C ALA B 200 -9.69 7.08 -0.67
N ALA B 201 -10.04 6.43 -1.77
CA ALA B 201 -10.58 5.05 -1.82
C ALA B 201 -9.43 4.08 -1.97
N GLY B 202 -8.19 4.60 -1.97
CA GLY B 202 -6.95 3.81 -1.95
C GLY B 202 -6.44 3.48 -3.34
N VAL B 203 -6.92 4.18 -4.37
CA VAL B 203 -6.49 3.96 -5.79
C VAL B 203 -5.61 5.15 -6.21
N VAL B 204 -4.30 4.96 -6.26
CA VAL B 204 -3.36 6.04 -6.68
C VAL B 204 -2.70 5.66 -8.00
N PRO B 205 -2.48 6.62 -8.89
CA PRO B 205 -1.85 6.34 -10.18
C PRO B 205 -0.43 5.80 -10.00
N ASP B 206 -0.03 4.81 -10.79
CA ASP B 206 1.39 4.40 -11.00
C ASP B 206 1.96 5.25 -12.15
N ALA B 207 1.09 5.97 -12.86
CA ALA B 207 1.47 6.94 -13.94
C ALA B 207 0.26 7.79 -14.30
N VAL B 208 0.47 8.88 -15.04
CA VAL B 208 -0.64 9.75 -15.54
C VAL B 208 -0.43 10.00 -17.04
N VAL B 209 -1.52 10.11 -17.79
CA VAL B 209 -1.51 10.53 -19.23
C VAL B 209 -2.59 11.58 -19.38
N GLY B 210 -2.37 12.49 -20.30
CA GLY B 210 -3.33 13.56 -20.59
C GLY B 210 -3.51 13.72 -22.08
N HIS B 211 -4.63 14.32 -22.46
CA HIS B 211 -4.93 14.64 -23.87
C HIS B 211 -5.05 16.15 -23.97
N CYS B 212 -4.20 16.78 -24.78
CA CYS B 212 -4.07 18.26 -24.85
C CYS B 212 -4.12 18.87 -23.42
N GLN B 213 -5.14 19.69 -23.12
CA GLN B 213 -5.20 20.47 -21.87
C GLN B 213 -5.20 19.51 -20.65
N GLY B 214 -5.70 18.28 -20.82
CA GLY B 214 -5.76 17.28 -19.75
C GLY B 214 -4.40 17.00 -19.17
N GLU B 215 -3.33 17.29 -19.89
CA GLU B 215 -1.95 17.09 -19.38
C GLU B 215 -1.72 18.02 -18.18
N ILE B 216 -2.41 19.15 -18.18
CA ILE B 216 -2.27 20.18 -17.11
C ILE B 216 -2.85 19.60 -15.84
N ALA B 217 -4.03 18.98 -15.94
CA ALA B 217 -4.68 18.28 -14.82
C ALA B 217 -3.77 17.13 -14.37
N ALA B 218 -3.17 16.42 -15.33
CA ALA B 218 -2.22 15.31 -15.08
C ALA B 218 -1.04 15.83 -14.26
N ALA B 219 -0.42 16.94 -14.69
CA ALA B 219 0.76 17.53 -14.03
C ALA B 219 0.37 18.00 -12.61
N ALA B 220 -0.83 18.56 -12.44
CA ALA B 220 -1.37 18.99 -11.12
C ALA B 220 -1.45 17.78 -10.18
N VAL B 221 -2.11 16.71 -10.62
CA VAL B 221 -2.29 15.48 -9.79
C VAL B 221 -0.92 14.85 -9.46
N SER B 222 0.02 14.84 -10.41
CA SER B 222 1.36 14.20 -10.25
C SER B 222 2.29 15.09 -9.43
N GLY B 223 1.94 16.36 -9.25
CA GLY B 223 2.73 17.39 -8.52
C GLY B 223 3.84 17.99 -9.36
N ALA B 224 3.84 17.74 -10.68
CA ALA B 224 4.88 18.20 -11.62
C ALA B 224 4.73 19.71 -11.77
N LEU B 225 3.49 20.19 -11.83
CA LEU B 225 3.13 21.62 -11.60
C LEU B 225 2.47 21.75 -10.22
N SER B 226 2.77 22.83 -9.51
CA SER B 226 1.94 23.30 -8.36
C SER B 226 0.49 23.50 -8.83
N LEU B 227 -0.48 23.29 -7.95
CA LEU B 227 -1.85 23.74 -8.21
C LEU B 227 -1.84 25.15 -8.83
N GLY B 228 -1.16 26.11 -8.18
CA GLY B 228 -1.10 27.52 -8.60
C GLY B 228 -0.61 27.66 -10.03
N ASP B 229 0.46 26.94 -10.36
CA ASP B 229 1.06 26.99 -11.71
C ASP B 229 0.07 26.39 -12.71
N ALA B 230 -0.51 25.24 -12.38
CA ALA B 230 -1.35 24.45 -13.31
C ALA B 230 -2.60 25.27 -13.59
N ALA B 231 -3.18 25.82 -12.54
CA ALA B 231 -4.42 26.63 -12.61
C ALA B 231 -4.16 27.75 -13.60
N GLN B 232 -3.01 28.44 -13.42
CA GLN B 232 -2.74 29.68 -14.18
C GLN B 232 -2.47 29.32 -15.64
N VAL B 233 -1.88 28.16 -15.90
CA VAL B 233 -1.63 27.67 -17.30
C VAL B 233 -3.00 27.50 -17.96
N VAL B 234 -3.92 26.76 -17.35
CA VAL B 234 -5.21 26.45 -18.01
C VAL B 234 -6.02 27.75 -18.14
N VAL B 235 -5.96 28.67 -17.17
CA VAL B 235 -6.79 29.90 -17.25
C VAL B 235 -6.31 30.76 -18.42
N LEU B 236 -5.01 31.07 -18.45
CA LEU B 236 -4.37 32.02 -19.41
C LEU B 236 -4.44 31.47 -20.83
N ARG B 237 -4.15 30.20 -21.02
CA ARG B 237 -4.14 29.61 -22.37
C ARG B 237 -5.58 29.59 -22.91
N SER B 238 -6.55 29.18 -22.10
CA SER B 238 -7.97 29.10 -22.52
C SER B 238 -8.53 30.52 -22.81
N GLN B 239 -8.03 31.53 -22.08
CA GLN B 239 -8.36 32.95 -22.31
C GLN B 239 -7.71 33.44 -23.61
N LEU B 240 -6.47 33.04 -23.87
CA LEU B 240 -5.81 33.35 -25.16
C LEU B 240 -6.64 32.78 -26.33
N PHE B 241 -6.94 31.49 -26.31
CA PHE B 241 -7.68 30.85 -27.43
C PHE B 241 -9.06 31.52 -27.58
N ALA B 242 -9.68 31.95 -26.48
CA ALA B 242 -10.98 32.67 -26.52
C ALA B 242 -10.83 34.00 -27.28
N ASP B 243 -9.68 34.68 -27.15
CA ASP B 243 -9.43 36.02 -27.73
C ASP B 243 -8.98 35.88 -29.20
N GLU B 244 -8.23 34.83 -29.54
CA GLU B 244 -7.47 34.81 -30.82
C GLU B 244 -8.03 33.78 -31.82
N LEU B 245 -8.78 32.77 -31.37
CA LEU B 245 -8.98 31.54 -32.17
C LEU B 245 -10.47 31.24 -32.38
N VAL B 246 -11.31 31.53 -31.38
CA VAL B 246 -12.79 31.33 -31.44
C VAL B 246 -13.35 31.94 -32.72
N GLY B 247 -14.11 31.19 -33.51
CA GLY B 247 -14.67 31.66 -34.79
C GLY B 247 -13.83 31.21 -35.97
N LYS B 248 -12.51 31.16 -35.81
CA LYS B 248 -11.53 30.94 -36.91
C LYS B 248 -11.33 29.44 -37.11
N GLY B 249 -11.90 28.59 -36.25
CA GLY B 249 -11.83 27.13 -36.47
C GLY B 249 -12.35 26.32 -35.29
N ALA B 250 -12.14 25.01 -35.36
CA ALA B 250 -12.74 24.03 -34.43
C ALA B 250 -12.10 22.66 -34.64
N VAL B 251 -12.56 21.69 -33.87
CA VAL B 251 -12.08 20.29 -33.92
C VAL B 251 -13.33 19.43 -34.03
N ALA B 252 -13.23 18.34 -34.78
CA ALA B 252 -14.27 17.32 -34.90
C ALA B 252 -13.66 15.96 -34.59
N SER B 253 -14.47 15.07 -34.05
CA SER B 253 -14.21 13.62 -33.91
C SER B 253 -14.63 12.90 -35.20
N VAL B 254 -13.79 11.99 -35.68
CA VAL B 254 -14.12 11.09 -36.83
C VAL B 254 -13.77 9.66 -36.43
N SER B 255 -14.72 8.73 -36.60
CA SER B 255 -14.51 7.28 -36.32
C SER B 255 -14.02 6.53 -37.57
N LEU B 256 -12.83 6.92 -38.05
CA LEU B 256 -12.03 6.15 -39.05
C LEU B 256 -10.56 6.16 -38.66
N PRO B 257 -9.77 5.21 -39.19
CA PRO B 257 -8.31 5.24 -39.06
C PRO B 257 -7.71 6.55 -39.55
N ALA B 258 -6.57 6.96 -38.96
CA ALA B 258 -5.78 8.15 -39.31
C ALA B 258 -5.54 8.21 -40.82
N ALA B 259 -5.02 7.12 -41.41
CA ALA B 259 -4.62 7.05 -42.85
C ALA B 259 -5.80 7.42 -43.75
N GLU B 260 -6.92 6.73 -43.55
CA GLU B 260 -8.15 6.96 -44.35
C GLU B 260 -8.69 8.39 -44.09
N VAL B 261 -8.48 8.97 -42.91
CA VAL B 261 -8.93 10.36 -42.63
C VAL B 261 -7.99 11.34 -43.33
N GLU B 262 -6.67 11.07 -43.38
CA GLU B 262 -5.67 11.85 -44.17
C GLU B 262 -6.15 11.92 -45.63
N ALA B 263 -6.52 10.78 -46.21
CA ALA B 263 -7.00 10.64 -47.60
C ALA B 263 -8.29 11.47 -47.80
N ARG B 264 -9.27 11.37 -46.91
CA ARG B 264 -10.54 12.15 -46.95
C ARG B 264 -10.23 13.64 -46.85
N ILE B 265 -9.27 14.02 -46.01
CA ILE B 265 -8.89 15.44 -45.68
C ILE B 265 -8.36 16.09 -46.96
N ALA B 266 -7.65 15.34 -47.82
CA ALA B 266 -6.92 15.89 -48.99
C ALA B 266 -7.91 16.54 -49.96
N ARG B 267 -9.16 16.05 -50.01
CA ARG B 267 -10.25 16.59 -50.88
C ARG B 267 -10.54 18.06 -50.54
N PHE B 268 -10.49 18.45 -49.25
CA PHE B 268 -10.73 19.84 -48.78
C PHE B 268 -9.43 20.65 -48.82
N ASN B 269 -8.30 19.96 -48.84
CA ASN B 269 -6.95 20.58 -48.71
C ASN B 269 -6.39 20.86 -50.11
N GLY B 270 -7.26 20.92 -51.14
CA GLY B 270 -6.95 21.56 -52.44
C GLY B 270 -6.44 22.97 -52.23
N ASP B 271 -5.29 23.32 -52.84
CA ASP B 271 -4.46 24.52 -52.50
C ASP B 271 -4.26 24.59 -50.98
N ALA B 272 -4.61 25.70 -50.30
CA ALA B 272 -4.32 25.94 -48.86
C ALA B 272 -4.98 24.88 -47.97
N GLU B 273 -4.31 24.47 -46.89
CA GLU B 273 -4.77 23.37 -45.99
C GLU B 273 -5.79 23.93 -45.01
N LEU B 274 -7.01 23.39 -45.00
CA LEU B 274 -8.13 23.92 -44.20
C LEU B 274 -8.37 22.98 -43.01
N LEU B 275 -7.84 21.75 -43.10
CA LEU B 275 -8.09 20.63 -42.17
C LEU B 275 -6.78 19.86 -41.98
N SER B 276 -6.54 19.34 -40.78
CA SER B 276 -5.41 18.43 -40.45
C SER B 276 -5.74 17.61 -39.20
N ILE B 277 -5.09 16.45 -39.09
CA ILE B 277 -5.23 15.54 -37.93
C ILE B 277 -4.75 16.28 -36.67
N ALA B 278 -5.63 16.40 -35.67
CA ALA B 278 -5.37 17.06 -34.37
C ALA B 278 -4.96 16.01 -33.32
N GLY B 279 -5.19 14.73 -33.60
CA GLY B 279 -5.09 13.67 -32.59
C GLY B 279 -5.37 12.31 -33.16
N ASN B 280 -4.56 11.34 -32.76
CA ASN B 280 -4.75 9.90 -33.03
C ASN B 280 -5.07 9.20 -31.69
N ASN B 281 -6.29 8.69 -31.53
CA ASN B 281 -6.96 8.46 -30.22
C ASN B 281 -7.30 6.99 -30.04
N GLY B 282 -7.13 6.21 -31.11
CA GLY B 282 -7.73 4.87 -31.27
C GLY B 282 -7.55 4.38 -32.71
N PRO B 283 -7.48 3.05 -32.95
CA PRO B 283 -7.28 2.52 -34.30
C PRO B 283 -8.34 2.99 -35.31
N ARG B 284 -9.53 3.40 -34.84
CA ARG B 284 -10.62 3.94 -35.71
C ARG B 284 -11.21 5.19 -35.04
N SER B 285 -10.40 5.96 -34.32
CA SER B 285 -10.84 7.21 -33.64
C SER B 285 -9.82 8.32 -33.90
N VAL B 286 -10.25 9.46 -34.42
CA VAL B 286 -9.34 10.55 -34.87
C VAL B 286 -10.03 11.92 -34.72
N THR B 287 -9.26 12.91 -34.29
CA THR B 287 -9.69 14.33 -34.20
C THR B 287 -9.13 15.10 -35.39
N VAL B 288 -9.93 16.02 -35.94
CA VAL B 288 -9.53 16.90 -37.07
C VAL B 288 -9.76 18.35 -36.65
N ALA B 289 -8.80 19.23 -36.94
CA ALA B 289 -8.90 20.68 -36.66
C ALA B 289 -8.88 21.46 -37.97
N GLY B 290 -9.49 22.65 -37.96
CA GLY B 290 -9.50 23.56 -39.12
C GLY B 290 -10.70 24.50 -39.10
N GLN B 291 -10.90 25.22 -40.21
CA GLN B 291 -11.97 26.23 -40.35
C GLN B 291 -13.32 25.51 -40.28
N VAL B 292 -14.29 26.16 -39.65
CA VAL B 292 -15.62 25.61 -39.26
C VAL B 292 -16.33 25.07 -40.52
N ALA B 293 -16.38 25.83 -41.62
CA ALA B 293 -17.18 25.44 -42.82
C ALA B 293 -16.65 24.11 -43.36
N ALA B 294 -15.36 24.03 -43.68
CA ALA B 294 -14.64 22.81 -44.09
C ALA B 294 -15.04 21.63 -43.20
N LEU B 295 -14.99 21.85 -41.89
CA LEU B 295 -15.09 20.81 -40.82
C LEU B 295 -16.52 20.25 -40.79
N GLU B 296 -17.52 21.14 -40.85
CA GLU B 296 -18.95 20.78 -40.90
C GLU B 296 -19.22 19.98 -42.16
N GLU B 297 -18.70 20.45 -43.29
CA GLU B 297 -18.81 19.78 -44.62
C GLU B 297 -18.22 18.36 -44.52
N LEU B 298 -17.08 18.21 -43.85
CA LEU B 298 -16.41 16.89 -43.69
C LEU B 298 -17.32 15.97 -42.87
N VAL B 299 -17.83 16.49 -41.77
CA VAL B 299 -18.72 15.73 -40.82
C VAL B 299 -20.03 15.37 -41.55
N ALA B 300 -20.56 16.29 -42.35
CA ALA B 300 -21.90 16.12 -42.98
C ALA B 300 -21.81 15.01 -44.04
N GLU B 301 -20.76 15.00 -44.86
CA GLU B 301 -20.54 13.99 -45.93
C GLU B 301 -20.24 12.62 -45.31
N LEU B 302 -19.64 12.59 -44.11
CA LEU B 302 -19.32 11.31 -43.40
C LEU B 302 -20.61 10.71 -42.84
N GLU B 303 -21.53 11.52 -42.29
CA GLU B 303 -22.83 11.03 -41.74
C GLU B 303 -23.62 10.38 -42.88
N ALA B 304 -23.61 11.01 -44.06
CA ALA B 304 -24.31 10.54 -45.26
C ALA B 304 -23.94 9.07 -45.51
N GLU B 305 -22.69 8.72 -45.22
CA GLU B 305 -22.09 7.39 -45.54
C GLU B 305 -22.41 6.41 -44.41
N GLY B 306 -22.57 6.91 -43.19
CA GLY B 306 -22.83 6.10 -41.99
C GLY B 306 -21.65 6.11 -41.03
N VAL B 307 -20.76 7.10 -41.18
CA VAL B 307 -19.55 7.27 -40.32
C VAL B 307 -19.87 8.21 -39.15
N ARG B 308 -19.62 7.74 -37.93
CA ARG B 308 -19.79 8.57 -36.69
C ARG B 308 -18.83 9.76 -36.82
N ALA B 309 -19.34 10.98 -36.82
CA ALA B 309 -18.49 12.18 -36.74
C ALA B 309 -19.32 13.38 -36.23
N LYS B 310 -18.73 14.18 -35.36
CA LYS B 310 -19.35 15.41 -34.83
C LYS B 310 -18.25 16.46 -34.62
N VAL B 311 -18.56 17.71 -34.95
CA VAL B 311 -17.93 18.93 -34.37
C VAL B 311 -18.08 18.89 -32.85
N ILE B 312 -16.97 18.90 -32.11
CA ILE B 312 -17.03 19.06 -30.62
C ILE B 312 -17.35 20.52 -30.29
N GLY B 313 -18.18 20.72 -29.27
CA GLY B 313 -18.99 21.92 -29.01
C GLY B 313 -18.15 23.19 -28.99
N SER B 314 -17.27 23.36 -28.00
CA SER B 314 -16.70 24.71 -27.75
C SER B 314 -15.19 24.70 -28.01
N THR B 315 -14.82 24.22 -29.18
CA THR B 315 -13.42 24.00 -29.55
C THR B 315 -12.97 25.12 -30.49
N VAL B 316 -11.66 25.27 -30.59
CA VAL B 316 -10.92 26.07 -31.60
C VAL B 316 -10.00 25.11 -32.34
N ALA B 317 -9.41 25.56 -33.43
CA ALA B 317 -8.49 24.75 -34.25
C ALA B 317 -7.12 24.78 -33.59
N SER B 318 -7.06 24.34 -32.35
CA SER B 318 -5.81 23.95 -31.66
C SER B 318 -5.21 22.70 -32.33
N HIS B 319 -3.98 22.38 -32.01
CA HIS B 319 -3.25 21.22 -32.59
C HIS B 319 -3.22 21.37 -34.11
N SER B 320 -2.90 22.58 -34.58
CA SER B 320 -2.87 22.95 -36.02
C SER B 320 -1.97 24.17 -36.21
N ALA B 321 -1.77 24.55 -37.46
CA ALA B 321 -0.89 25.68 -37.84
C ALA B 321 -1.51 26.98 -37.34
N GLN B 322 -2.79 27.00 -37.00
CA GLN B 322 -3.45 28.23 -36.49
C GLN B 322 -2.83 28.69 -35.15
N VAL B 323 -2.28 27.79 -34.32
CA VAL B 323 -1.61 28.20 -33.05
C VAL B 323 -0.17 28.67 -33.31
N ASP B 324 0.33 28.60 -34.54
CA ASP B 324 1.74 29.00 -34.90
C ASP B 324 1.97 30.48 -34.58
N PRO B 325 1.07 31.40 -34.93
CA PRO B 325 1.31 32.82 -34.68
C PRO B 325 1.18 33.17 -33.19
N LEU B 326 0.73 32.23 -32.35
CA LEU B 326 0.54 32.43 -30.87
C LEU B 326 1.80 32.01 -30.10
N HIS B 327 2.81 31.48 -30.79
CA HIS B 327 4.02 30.91 -30.18
C HIS B 327 4.64 31.92 -29.21
N GLU B 328 4.99 33.13 -29.67
CA GLU B 328 5.71 34.14 -28.84
C GLU B 328 4.88 34.49 -27.62
N ARG B 329 3.59 34.69 -27.83
CA ARG B 329 2.65 35.22 -26.81
C ARG B 329 2.51 34.14 -25.72
N ILE B 330 2.47 32.85 -26.10
CA ILE B 330 2.31 31.72 -25.14
C ILE B 330 3.57 31.61 -24.29
N LEU B 331 4.75 31.70 -24.91
CA LEU B 331 6.07 31.73 -24.21
C LEU B 331 6.09 32.85 -23.15
N ASP B 332 5.62 34.04 -23.49
CA ASP B 332 5.59 35.20 -22.56
C ASP B 332 4.54 34.95 -21.47
N LEU B 333 3.36 34.46 -21.85
CA LEU B 333 2.18 34.24 -20.99
C LEU B 333 2.49 33.17 -19.92
N LEU B 334 3.27 32.15 -20.26
CA LEU B 334 3.52 30.99 -19.36
C LEU B 334 5.01 30.92 -18.94
N SER B 335 5.71 32.05 -18.99
CA SER B 335 7.11 32.17 -18.47
C SER B 335 7.20 31.95 -16.95
N PHE B 336 6.14 32.13 -16.16
CA PHE B 336 6.12 31.88 -14.68
C PHE B 336 6.34 30.40 -14.32
N VAL B 337 6.00 29.43 -15.19
CA VAL B 337 5.87 28.02 -14.71
C VAL B 337 7.20 27.57 -14.10
N GLN B 338 7.14 26.81 -13.01
CA GLN B 338 8.32 26.17 -12.36
C GLN B 338 8.11 24.65 -12.31
N PRO B 339 8.24 23.93 -13.45
CA PRO B 339 8.10 22.47 -13.44
C PRO B 339 9.12 21.81 -12.48
N ARG B 340 8.73 20.68 -11.90
CA ARG B 340 9.52 19.94 -10.89
C ARG B 340 9.22 18.46 -11.14
N GLU B 341 10.09 17.59 -10.61
CA GLU B 341 9.86 16.13 -10.44
C GLU B 341 8.52 15.94 -9.69
N GLY B 342 7.64 15.14 -10.26
CA GLY B 342 6.35 14.77 -9.65
C GLY B 342 6.41 13.42 -8.99
N SER B 343 5.36 13.04 -8.28
CA SER B 343 5.27 11.79 -7.49
C SER B 343 5.18 10.58 -8.43
N VAL B 344 4.59 10.73 -9.62
CA VAL B 344 4.45 9.65 -10.65
C VAL B 344 4.87 10.20 -12.00
N PRO B 345 5.42 9.35 -12.90
CA PRO B 345 5.73 9.75 -14.27
C PRO B 345 4.53 10.19 -15.13
N LEU B 346 4.81 11.08 -16.07
CA LEU B 346 3.80 11.57 -17.01
C LEU B 346 4.16 11.08 -18.41
N TYR B 347 3.31 10.23 -19.00
CA TYR B 347 3.57 9.74 -20.39
C TYR B 347 3.09 10.82 -21.34
N SER B 348 4.03 11.60 -21.88
CA SER B 348 3.64 12.76 -22.72
C SER B 348 3.08 12.33 -24.07
N THR B 349 1.86 12.76 -24.38
CA THR B 349 1.29 12.51 -25.72
C THR B 349 2.08 13.35 -26.73
N VAL B 350 2.51 14.54 -26.33
CA VAL B 350 3.22 15.48 -27.25
C VAL B 350 4.54 14.92 -27.76
N ASN B 351 5.39 14.35 -26.89
CA ASN B 351 6.74 13.94 -27.36
C ASN B 351 6.94 12.42 -27.29
N GLY B 352 5.95 11.68 -26.77
CA GLY B 352 6.09 10.22 -26.64
C GLY B 352 7.23 9.82 -25.72
N GLU B 353 7.50 10.62 -24.69
CA GLU B 353 8.59 10.31 -23.71
C GLU B 353 7.97 10.11 -22.32
N VAL B 354 8.65 9.32 -21.49
CA VAL B 354 8.30 9.17 -20.06
C VAL B 354 8.95 10.30 -19.25
N LEU B 355 8.15 11.23 -18.75
CA LEU B 355 8.63 12.48 -18.12
C LEU B 355 8.44 12.42 -16.58
N ASN B 356 9.42 12.90 -15.82
CA ASN B 356 9.31 13.04 -14.34
C ASN B 356 8.57 14.36 -14.01
N GLY B 357 8.30 15.20 -15.00
CA GLY B 357 7.50 16.42 -14.83
C GLY B 357 8.36 17.67 -14.77
N ALA B 358 9.69 17.56 -14.66
CA ALA B 358 10.62 18.72 -14.56
C ALA B 358 10.83 19.40 -15.92
N GLU B 359 10.37 18.76 -16.99
CA GLU B 359 10.56 19.29 -18.36
C GLU B 359 9.29 19.95 -18.89
N LEU B 360 8.30 20.24 -18.04
CA LEU B 360 7.03 20.88 -18.49
C LEU B 360 7.11 22.41 -18.42
N ASP B 361 7.88 23.02 -19.30
CA ASP B 361 8.16 24.48 -19.26
C ASP B 361 7.21 25.15 -20.27
N ALA B 362 7.35 26.45 -20.44
CA ALA B 362 6.41 27.26 -21.28
C ALA B 362 6.38 26.65 -22.68
N SER B 363 7.57 26.33 -23.17
CA SER B 363 7.80 25.83 -24.55
C SER B 363 7.05 24.49 -24.72
N TYR B 364 7.07 23.64 -23.69
CA TYR B 364 6.32 22.36 -23.68
C TYR B 364 4.82 22.66 -23.80
N TRP B 365 4.32 23.61 -23.01
CA TRP B 365 2.88 23.93 -22.99
C TRP B 365 2.46 24.52 -24.34
N PHE B 366 3.39 25.20 -25.00
CA PHE B 366 3.17 25.59 -26.42
C PHE B 366 3.04 24.31 -27.25
N GLU B 367 4.02 23.40 -27.15
CA GLU B 367 4.05 22.16 -27.97
C GLU B 367 2.78 21.34 -27.65
N ASN B 368 2.33 21.35 -26.41
CA ASN B 368 1.10 20.63 -25.99
C ASN B 368 -0.09 21.18 -26.78
N SER B 369 -0.12 22.48 -27.05
CA SER B 369 -1.27 23.14 -27.71
C SER B 369 -1.12 23.10 -29.24
N ARG B 370 0.07 22.82 -29.78
CA ARG B 370 0.37 22.89 -31.23
C ARG B 370 0.46 21.48 -31.82
N ARG B 371 1.24 20.58 -31.20
CA ARG B 371 1.54 19.24 -31.75
C ARG B 371 0.24 18.43 -31.78
N PRO B 372 -0.06 17.72 -32.89
CA PRO B 372 -1.07 16.66 -32.86
C PRO B 372 -0.80 15.67 -31.72
N VAL B 373 -1.85 15.24 -31.03
CA VAL B 373 -1.79 14.40 -29.80
C VAL B 373 -1.59 12.93 -30.21
N SER B 374 -0.42 12.35 -29.94
CA SER B 374 -0.18 10.87 -29.99
C SER B 374 -0.78 10.22 -28.74
N PHE B 375 -2.08 10.00 -28.68
CA PHE B 375 -2.69 9.22 -27.58
C PHE B 375 -2.47 7.73 -27.80
N GLU B 376 -2.90 7.23 -28.97
CA GLU B 376 -2.92 5.79 -29.32
C GLU B 376 -1.52 5.18 -29.19
N PRO B 377 -0.44 5.80 -29.75
CA PRO B 377 0.91 5.29 -29.58
C PRO B 377 1.38 5.18 -28.10
N VAL B 378 0.97 6.12 -27.23
CA VAL B 378 1.42 6.07 -25.81
C VAL B 378 0.51 5.12 -25.01
N VAL B 379 -0.75 4.96 -25.41
CA VAL B 379 -1.60 3.84 -24.89
C VAL B 379 -0.89 2.51 -25.17
N ARG B 380 -0.33 2.34 -26.37
CA ARG B 380 0.44 1.11 -26.77
C ARG B 380 1.70 0.98 -25.90
N ALA B 381 2.41 2.08 -25.69
CA ALA B 381 3.66 2.09 -24.89
C ALA B 381 3.33 1.68 -23.43
N LEU B 382 2.15 2.07 -22.93
CA LEU B 382 1.70 1.82 -21.53
C LEU B 382 1.28 0.34 -21.38
N PHE B 383 0.57 -0.23 -22.36
CA PHE B 383 0.30 -1.70 -22.43
C PHE B 383 1.62 -2.47 -22.29
N ALA B 384 2.60 -2.11 -23.09
CA ALA B 384 3.93 -2.75 -23.20
C ALA B 384 4.73 -2.61 -21.90
N ASP B 385 4.52 -1.54 -21.14
CA ASP B 385 5.19 -1.33 -19.83
C ASP B 385 4.36 -1.94 -18.69
N GLY B 386 3.28 -2.66 -19.01
CA GLY B 386 2.57 -3.48 -18.01
C GLY B 386 1.35 -2.79 -17.38
N PHE B 387 0.90 -1.66 -17.91
CA PHE B 387 -0.30 -0.96 -17.42
C PHE B 387 -1.53 -1.68 -18.00
N ASP B 388 -2.39 -2.24 -17.12
CA ASP B 388 -3.56 -3.04 -17.54
C ASP B 388 -4.84 -2.44 -16.94
N VAL B 389 -4.73 -1.33 -16.22
CA VAL B 389 -5.90 -0.57 -15.69
C VAL B 389 -5.76 0.90 -16.06
N PHE B 390 -6.74 1.46 -16.75
CA PHE B 390 -6.77 2.85 -17.23
C PHE B 390 -7.99 3.53 -16.60
N VAL B 391 -7.78 4.33 -15.55
CA VAL B 391 -8.83 5.20 -14.92
C VAL B 391 -8.92 6.54 -15.65
N GLU B 392 -10.11 6.90 -16.10
CA GLU B 392 -10.31 8.23 -16.72
C GLU B 392 -10.94 9.13 -15.67
N SER B 393 -10.15 10.08 -15.15
CA SER B 393 -10.56 10.90 -14.01
C SER B 393 -11.54 11.98 -14.49
N SER B 394 -12.68 11.59 -15.08
CA SER B 394 -13.56 12.49 -15.89
C SER B 394 -15.02 12.40 -15.46
N ALA B 395 -15.82 13.40 -15.85
CA ALA B 395 -17.26 13.51 -15.56
C ALA B 395 -18.07 12.63 -16.52
N HIS B 396 -17.45 12.21 -17.62
CA HIS B 396 -18.05 11.30 -18.63
C HIS B 396 -16.94 10.71 -19.50
N PRO B 397 -16.97 9.38 -19.74
CA PRO B 397 -15.89 8.72 -20.49
C PRO B 397 -15.79 9.34 -21.89
N VAL B 398 -14.61 9.84 -22.29
CA VAL B 398 -14.33 10.21 -23.71
C VAL B 398 -13.23 9.32 -24.32
N LEU B 399 -12.25 8.86 -23.54
CA LEU B 399 -11.07 8.16 -24.11
C LEU B 399 -11.13 6.67 -23.83
N THR B 400 -11.96 6.20 -22.90
CA THR B 400 -11.95 4.77 -22.51
C THR B 400 -12.29 3.87 -23.70
N TYR B 401 -13.11 4.32 -24.65
CA TYR B 401 -13.50 3.44 -25.77
C TYR B 401 -12.30 3.25 -26.68
N GLY B 402 -11.63 4.33 -27.03
CA GLY B 402 -10.38 4.26 -27.82
C GLY B 402 -9.38 3.29 -27.22
N ILE B 403 -9.17 3.40 -25.91
CA ILE B 403 -8.21 2.56 -25.15
C ILE B 403 -8.56 1.08 -25.33
N SER B 404 -9.82 0.71 -25.08
CA SER B 404 -10.38 -0.66 -25.22
C SER B 404 -10.11 -1.18 -26.62
N GLU B 405 -10.56 -0.46 -27.63
CA GLU B 405 -10.33 -0.79 -29.07
C GLU B 405 -8.82 -0.97 -29.30
N THR B 406 -8.00 -0.17 -28.62
CA THR B 406 -6.52 -0.24 -28.77
C THR B 406 -6.04 -1.55 -28.15
N ALA B 407 -6.65 -1.99 -27.05
CA ALA B 407 -6.28 -3.25 -26.37
C ALA B 407 -6.66 -4.42 -27.28
N GLU B 408 -7.84 -4.37 -27.88
CA GLU B 408 -8.32 -5.43 -28.79
C GLU B 408 -7.31 -5.57 -29.94
N ALA B 409 -6.90 -4.47 -30.56
CA ALA B 409 -5.98 -4.50 -31.72
C ALA B 409 -4.60 -5.00 -31.31
N ALA B 410 -4.12 -4.72 -30.08
CA ALA B 410 -2.79 -5.15 -29.62
C ALA B 410 -2.87 -6.46 -28.83
N GLY B 411 -4.07 -7.04 -28.77
CA GLY B 411 -4.35 -8.32 -28.08
C GLY B 411 -4.04 -8.25 -26.59
N ARG B 412 -4.51 -7.22 -25.87
CA ARG B 412 -4.19 -7.06 -24.42
C ARG B 412 -5.48 -7.13 -23.59
N GLU B 413 -5.37 -7.75 -22.41
CA GLU B 413 -6.43 -7.77 -21.38
C GLU B 413 -6.26 -6.54 -20.50
N VAL B 414 -7.05 -5.49 -20.72
CA VAL B 414 -6.94 -4.27 -19.88
C VAL B 414 -8.35 -3.93 -19.40
N LEU B 415 -8.43 -3.22 -18.30
CA LEU B 415 -9.67 -2.51 -17.92
C LEU B 415 -9.51 -1.03 -18.28
N ALA B 416 -10.51 -0.45 -18.92
CA ALA B 416 -10.58 1.00 -19.19
C ALA B 416 -11.83 1.55 -18.52
N GLN B 417 -11.67 2.36 -17.48
CA GLN B 417 -12.72 2.59 -16.45
C GLN B 417 -12.92 4.08 -16.24
N GLY B 418 -14.06 4.58 -16.67
CA GLY B 418 -14.49 5.96 -16.38
C GLY B 418 -14.77 6.11 -14.90
N THR B 419 -14.95 7.36 -14.47
CA THR B 419 -15.35 7.75 -13.09
C THR B 419 -16.85 8.04 -13.06
N LEU B 420 -17.26 9.18 -13.58
CA LEU B 420 -18.70 9.55 -13.63
C LEU B 420 -19.19 9.40 -15.07
N ARG B 421 -20.51 9.52 -15.27
CA ARG B 421 -21.21 9.54 -16.60
C ARG B 421 -22.20 10.69 -16.55
N ARG B 422 -22.65 11.18 -17.71
CA ARG B 422 -23.73 12.20 -17.82
C ARG B 422 -24.92 11.80 -16.95
N GLU B 423 -25.39 12.71 -16.09
CA GLU B 423 -26.64 12.52 -15.29
C GLU B 423 -26.48 11.38 -14.28
N GLU B 424 -25.24 10.98 -13.95
CA GLU B 424 -24.89 10.03 -12.85
C GLU B 424 -23.57 10.46 -12.19
N GLY B 425 -23.64 11.25 -11.12
CA GLY B 425 -22.51 12.07 -10.67
C GLY B 425 -22.35 12.07 -9.16
N GLY B 426 -22.90 11.01 -8.51
CA GLY B 426 -22.92 10.85 -7.05
C GLY B 426 -22.12 9.64 -6.58
N LEU B 427 -22.28 9.28 -5.30
CA LEU B 427 -21.53 8.17 -4.66
C LEU B 427 -21.97 6.82 -5.27
N ALA B 428 -23.17 6.72 -5.82
CA ALA B 428 -23.62 5.45 -6.42
C ALA B 428 -22.78 5.18 -7.69
N ARG B 429 -22.48 6.21 -8.49
CA ARG B 429 -21.69 6.03 -9.74
C ARG B 429 -20.20 5.87 -9.38
N PHE B 430 -19.71 6.64 -8.41
CA PHE B 430 -18.28 6.54 -8.04
C PHE B 430 -18.00 5.15 -7.48
N TYR B 431 -18.83 4.64 -6.58
CA TYR B 431 -18.61 3.30 -5.96
C TYR B 431 -18.76 2.24 -7.05
N SER B 432 -19.58 2.50 -8.07
CA SER B 432 -19.78 1.57 -9.21
C SER B 432 -18.52 1.54 -10.11
N SER B 433 -17.86 2.68 -10.28
CA SER B 433 -16.57 2.77 -10.98
C SER B 433 -15.44 2.18 -10.09
N LEU B 434 -15.49 2.39 -8.76
CA LEU B 434 -14.47 1.83 -7.83
C LEU B 434 -14.55 0.30 -7.84
N ALA B 435 -15.77 -0.24 -7.89
CA ALA B 435 -16.03 -1.70 -7.91
C ALA B 435 -15.50 -2.29 -9.20
N GLY B 436 -15.67 -1.58 -10.33
CA GLY B 436 -15.19 -2.02 -11.66
C GLY B 436 -13.70 -2.27 -11.63
N VAL B 437 -13.00 -1.42 -10.92
CA VAL B 437 -11.53 -1.49 -10.75
C VAL B 437 -11.22 -2.62 -9.74
N TRP B 438 -12.03 -2.76 -8.68
CA TRP B 438 -11.73 -3.72 -7.58
C TRP B 438 -11.97 -5.16 -8.05
N THR B 439 -13.13 -5.45 -8.64
CA THR B 439 -13.52 -6.79 -9.11
C THR B 439 -12.53 -7.32 -10.17
N ARG B 440 -11.69 -6.47 -10.76
CA ARG B 440 -10.65 -6.92 -11.74
C ARG B 440 -9.26 -7.01 -11.07
N GLY B 441 -9.14 -6.53 -9.83
CA GLY B 441 -8.01 -6.85 -8.94
C GLY B 441 -7.15 -5.65 -8.55
N VAL B 442 -7.66 -4.43 -8.63
CA VAL B 442 -7.05 -3.26 -7.94
C VAL B 442 -7.45 -3.31 -6.48
N ASP B 443 -6.50 -3.19 -5.54
CA ASP B 443 -6.79 -3.11 -4.09
C ASP B 443 -7.43 -1.75 -3.80
N VAL B 444 -8.54 -1.78 -3.08
CA VAL B 444 -9.35 -0.58 -2.75
C VAL B 444 -9.54 -0.57 -1.25
N ASP B 445 -9.73 0.61 -0.66
CA ASP B 445 -9.88 0.74 0.81
C ASP B 445 -11.38 0.87 1.13
N TRP B 446 -12.11 -0.25 1.09
CA TRP B 446 -13.59 -0.28 1.26
C TRP B 446 -14.02 0.22 2.65
N ALA B 447 -13.23 -0.10 3.68
CA ALA B 447 -13.48 0.30 5.10
C ALA B 447 -13.68 1.82 5.15
N GLY B 448 -12.99 2.55 4.27
CA GLY B 448 -12.99 4.03 4.24
C GLY B 448 -14.36 4.62 3.90
N ALA B 449 -15.24 3.80 3.32
CA ALA B 449 -16.61 4.15 2.86
C ALA B 449 -17.54 4.28 4.07
N PHE B 450 -17.09 3.79 5.23
CA PHE B 450 -17.91 3.70 6.45
C PHE B 450 -17.41 4.70 7.51
N ALA B 451 -16.44 5.54 7.17
CA ALA B 451 -15.86 6.56 8.09
C ALA B 451 -16.99 7.44 8.67
N GLY B 452 -16.94 7.65 9.99
CA GLY B 452 -17.79 8.59 10.74
C GLY B 452 -19.08 7.95 11.20
N ARG B 453 -19.40 6.75 10.72
CA ARG B 453 -20.77 6.17 10.82
C ARG B 453 -20.92 5.35 12.10
N GLY B 454 -19.83 5.17 12.84
CA GLY B 454 -19.75 4.23 13.96
C GLY B 454 -20.29 2.88 13.60
N ALA B 455 -19.94 2.39 12.40
CA ALA B 455 -20.08 0.97 12.00
C ALA B 455 -19.22 0.10 12.91
N ARG B 456 -19.75 -1.06 13.31
CA ARG B 456 -19.11 -2.07 14.18
C ARG B 456 -19.09 -3.42 13.44
N VAL B 457 -17.97 -4.13 13.45
CA VAL B 457 -17.90 -5.46 12.81
C VAL B 457 -18.93 -6.37 13.51
N VAL B 458 -19.73 -7.09 12.74
CA VAL B 458 -20.71 -8.11 13.25
C VAL B 458 -20.41 -9.46 12.60
N ASP B 459 -20.85 -10.54 13.23
CA ASP B 459 -20.89 -11.93 12.70
C ASP B 459 -21.67 -11.97 11.38
N LEU B 460 -21.14 -12.69 10.40
CA LEU B 460 -21.72 -12.87 9.05
C LEU B 460 -21.89 -14.37 8.90
N PRO B 461 -22.96 -14.83 8.22
CA PRO B 461 -23.15 -16.26 8.02
C PRO B 461 -21.95 -16.80 7.23
N THR B 462 -21.35 -17.91 7.67
CA THR B 462 -20.30 -18.61 6.88
C THR B 462 -21.00 -19.41 5.77
N TYR B 463 -20.46 -19.37 4.56
CA TYR B 463 -20.95 -20.18 3.40
C TYR B 463 -20.15 -21.49 3.35
N ALA B 464 -18.83 -21.36 3.40
CA ALA B 464 -17.84 -22.44 3.21
C ALA B 464 -16.81 -22.25 4.32
N PHE B 465 -15.89 -23.22 4.47
CA PHE B 465 -14.81 -23.21 5.48
C PHE B 465 -14.09 -21.87 5.38
N GLN B 466 -13.75 -21.28 6.54
CA GLN B 466 -13.32 -19.86 6.71
C GLN B 466 -12.02 -19.89 7.53
N MET C 21 23.17 -42.90 4.07
CA MET C 21 24.62 -43.01 4.40
C MET C 21 24.83 -44.16 5.40
N GLY C 22 24.46 -45.38 4.99
CA GLY C 22 24.78 -46.63 5.71
C GLY C 22 26.02 -47.27 5.12
N ALA C 23 26.28 -47.01 3.84
CA ALA C 23 27.43 -47.55 3.07
C ALA C 23 28.65 -46.64 3.23
N ALA C 24 28.65 -45.82 4.29
CA ALA C 24 29.66 -44.77 4.56
C ALA C 24 30.34 -45.02 5.92
N THR C 25 31.65 -44.73 5.99
CA THR C 25 32.50 -44.78 7.20
C THR C 25 32.13 -43.65 8.17
N PRO C 26 32.51 -43.78 9.46
CA PRO C 26 32.38 -42.69 10.43
C PRO C 26 32.93 -41.35 9.95
N ALA C 27 34.20 -41.28 9.55
CA ALA C 27 34.83 -40.05 8.98
C ALA C 27 33.97 -39.52 7.84
N GLU C 28 33.33 -40.41 7.04
CA GLU C 28 32.52 -40.01 5.86
C GLU C 28 31.21 -39.37 6.35
N ARG C 29 30.63 -39.95 7.41
CA ARG C 29 29.46 -39.39 8.13
C ARG C 29 29.79 -37.98 8.62
N ASP C 30 30.86 -37.86 9.43
CA ASP C 30 31.41 -36.58 9.95
C ASP C 30 31.37 -35.54 8.81
N ALA C 31 31.85 -35.92 7.63
CA ALA C 31 32.14 -35.00 6.51
C ALA C 31 30.81 -34.58 5.86
N ILE C 32 29.83 -35.48 5.76
CA ILE C 32 28.53 -35.23 5.05
C ILE C 32 27.68 -34.30 5.94
N LEU C 33 27.63 -34.60 7.25
CA LEU C 33 26.91 -33.78 8.26
C LEU C 33 27.57 -32.41 8.37
N LEU C 34 28.90 -32.33 8.33
CA LEU C 34 29.65 -31.04 8.38
C LEU C 34 29.37 -30.24 7.10
N ASP C 35 29.28 -30.90 5.95
CA ASP C 35 28.91 -30.24 4.68
C ASP C 35 27.44 -29.79 4.78
N LEU C 36 26.57 -30.57 5.42
CA LEU C 36 25.13 -30.20 5.63
C LEU C 36 25.04 -28.93 6.50
N VAL C 37 25.61 -28.94 7.71
CA VAL C 37 25.46 -27.82 8.68
C VAL C 37 26.08 -26.57 8.06
N ARG C 38 27.25 -26.68 7.43
CA ARG C 38 27.94 -25.49 6.86
C ARG C 38 27.10 -24.91 5.72
N GLY C 39 26.47 -25.76 4.90
CA GLY C 39 25.62 -25.36 3.77
C GLY C 39 24.37 -24.64 4.25
N GLN C 40 23.74 -25.17 5.31
CA GLN C 40 22.51 -24.63 5.94
C GLN C 40 22.82 -23.30 6.63
N VAL C 41 23.96 -23.21 7.34
CA VAL C 41 24.37 -21.95 8.02
C VAL C 41 24.60 -20.89 6.93
N ALA C 42 25.26 -21.27 5.84
CA ALA C 42 25.54 -20.31 4.75
C ALA C 42 24.23 -19.79 4.16
N ALA C 43 23.24 -20.68 4.01
CA ALA C 43 21.92 -20.26 3.48
C ALA C 43 21.24 -19.28 4.44
N VAL C 44 21.30 -19.55 5.74
CA VAL C 44 20.71 -18.63 6.77
C VAL C 44 21.48 -17.30 6.73
N LEU C 45 22.81 -17.37 6.65
CA LEU C 45 23.65 -16.16 6.56
C LEU C 45 23.37 -15.44 5.24
N GLY C 46 23.12 -16.22 4.18
CA GLY C 46 22.90 -15.64 2.83
C GLY C 46 24.16 -15.63 2.00
N HIS C 47 25.31 -16.02 2.56
CA HIS C 47 26.53 -16.12 1.72
C HIS C 47 26.29 -17.19 0.65
N ALA C 48 25.75 -18.35 1.04
CA ALA C 48 25.36 -19.41 0.07
C ALA C 48 26.58 -20.13 -0.54
N SER C 49 27.80 -19.78 -0.12
CA SER C 49 28.98 -20.51 -0.63
C SER C 49 28.95 -21.96 -0.13
N GLY C 50 28.64 -22.15 1.15
CA GLY C 50 28.55 -23.50 1.74
C GLY C 50 29.91 -23.98 2.22
N GLU C 51 30.98 -23.27 1.85
CA GLU C 51 32.35 -23.62 2.31
C GLU C 51 32.94 -22.41 3.03
N ASP C 52 32.28 -21.26 2.91
CA ASP C 52 32.77 -20.00 3.54
C ASP C 52 32.77 -20.17 5.07
N ILE C 53 31.75 -20.85 5.61
CA ILE C 53 31.63 -20.98 7.09
C ILE C 53 32.84 -21.78 7.58
N GLU C 54 33.46 -21.31 8.67
CA GLU C 54 34.60 -22.06 9.27
C GLU C 54 34.03 -23.06 10.27
N PRO C 55 34.44 -24.34 10.25
CA PRO C 55 33.86 -25.35 11.14
C PRO C 55 34.14 -24.97 12.61
N GLY C 56 35.34 -24.47 12.91
CA GLY C 56 35.67 -24.04 14.27
C GLY C 56 34.90 -22.83 14.75
N ARG C 57 34.60 -21.86 13.86
CA ARG C 57 33.98 -20.58 14.29
C ARG C 57 32.64 -20.80 15.02
N ALA C 58 32.46 -20.11 16.15
CA ALA C 58 31.20 -20.20 16.92
C ALA C 58 30.08 -19.45 16.20
N PHE C 59 28.83 -19.88 16.40
CA PHE C 59 27.68 -19.24 15.71
C PHE C 59 27.56 -17.76 16.13
N LYS C 60 27.71 -17.46 17.41
CA LYS C 60 27.66 -16.05 17.90
C LYS C 60 28.52 -15.15 16.98
N ASN C 61 29.79 -15.51 16.76
CA ASN C 61 30.77 -14.70 15.97
C ASN C 61 30.31 -14.57 14.52
N LEU C 62 29.63 -15.58 13.96
CA LEU C 62 29.22 -15.62 12.53
C LEU C 62 28.15 -14.57 12.25
N GLY C 63 27.36 -14.19 13.27
CA GLY C 63 26.30 -13.16 13.17
C GLY C 63 24.94 -13.72 13.51
N PHE C 64 24.86 -14.54 14.57
CA PHE C 64 23.69 -15.37 14.95
C PHE C 64 22.99 -14.74 16.16
N ASP C 65 21.72 -14.30 15.99
CA ASP C 65 20.73 -14.05 17.06
C ASP C 65 19.91 -15.33 17.30
N SER C 66 18.98 -15.29 18.25
CA SER C 66 18.06 -16.41 18.57
C SER C 66 17.24 -16.83 17.33
N LEU C 67 16.83 -15.87 16.51
CA LEU C 67 15.97 -16.12 15.33
C LEU C 67 16.76 -16.94 14.30
N THR C 68 18.04 -16.62 14.12
CA THR C 68 18.92 -17.31 13.13
C THR C 68 19.17 -18.75 13.62
N ALA C 69 19.25 -18.95 14.93
CA ALA C 69 19.41 -20.29 15.57
C ALA C 69 18.23 -21.20 15.22
N VAL C 70 16.98 -20.73 15.35
CA VAL C 70 15.77 -21.58 15.11
C VAL C 70 15.61 -21.78 13.59
N GLU C 71 16.04 -20.82 12.77
CA GLU C 71 16.00 -20.96 11.29
C GLU C 71 17.00 -22.05 10.88
N LEU C 72 18.18 -22.07 11.49
CA LEU C 72 19.18 -23.12 11.20
C LEU C 72 18.58 -24.48 11.58
N ARG C 73 17.93 -24.56 12.75
CA ARG C 73 17.31 -25.79 13.29
C ARG C 73 16.20 -26.27 12.35
N ASP C 74 15.35 -25.37 11.86
CA ASP C 74 14.26 -25.68 10.89
C ASP C 74 14.87 -26.31 9.63
N ARG C 75 15.90 -25.68 9.05
CA ARG C 75 16.56 -26.13 7.81
C ARG C 75 17.21 -27.50 8.05
N LEU C 76 17.85 -27.71 9.20
CA LEU C 76 18.53 -28.99 9.53
C LEU C 76 17.49 -30.09 9.76
N GLY C 77 16.37 -29.73 10.41
CA GLY C 77 15.23 -30.62 10.63
C GLY C 77 14.63 -31.10 9.31
N ALA C 78 14.46 -30.16 8.36
CA ALA C 78 13.94 -30.40 6.99
C ALA C 78 14.89 -31.37 6.27
N ALA C 79 16.18 -31.03 6.24
CA ALA C 79 17.24 -31.74 5.49
C ALA C 79 17.42 -33.14 6.05
N THR C 80 17.42 -33.32 7.39
CA THR C 80 17.67 -34.62 8.07
C THR C 80 16.37 -35.41 8.25
N GLY C 81 15.22 -34.78 7.96
CA GLY C 81 13.88 -35.35 8.23
C GLY C 81 13.73 -35.82 9.67
N HIS C 82 14.19 -35.02 10.63
CA HIS C 82 14.02 -35.25 12.10
C HIS C 82 13.48 -33.96 12.73
N LYS C 83 12.82 -34.05 13.90
CA LYS C 83 12.48 -32.90 14.75
C LYS C 83 13.57 -32.72 15.82
N LEU C 84 14.17 -31.53 15.87
CA LEU C 84 15.32 -31.20 16.75
C LEU C 84 14.86 -30.19 17.81
N PRO C 85 15.46 -30.21 19.02
CA PRO C 85 15.27 -29.13 20.00
C PRO C 85 15.61 -27.75 19.43
N ALA C 86 14.82 -26.73 19.82
CA ALA C 86 14.99 -25.33 19.39
C ALA C 86 16.33 -24.77 19.91
N THR C 87 16.86 -25.33 21.00
CA THR C 87 18.08 -24.83 21.70
C THR C 87 19.35 -25.55 21.18
N ILE C 88 19.21 -26.43 20.20
CA ILE C 88 20.30 -27.36 19.73
C ILE C 88 21.48 -26.53 19.23
N VAL C 89 21.20 -25.43 18.53
CA VAL C 89 22.25 -24.53 17.96
C VAL C 89 23.02 -23.89 19.12
N PHE C 90 22.32 -23.37 20.13
CA PHE C 90 22.90 -22.75 21.35
C PHE C 90 23.75 -23.78 22.09
N ASP C 91 23.18 -24.98 22.30
CA ASP C 91 23.77 -26.07 23.11
C ASP C 91 25.08 -26.57 22.46
N TYR C 92 25.16 -26.68 21.13
CA TYR C 92 26.39 -27.08 20.39
C TYR C 92 26.91 -25.93 19.55
N PRO C 93 27.87 -25.14 20.10
CA PRO C 93 28.14 -23.78 19.63
C PRO C 93 28.71 -23.65 18.20
N ASN C 94 29.49 -24.62 17.74
CA ASN C 94 30.20 -24.54 16.42
C ASN C 94 29.53 -25.51 15.46
N PRO C 95 29.73 -25.34 14.13
CA PRO C 95 29.24 -26.32 13.15
C PRO C 95 29.75 -27.75 13.43
N THR C 96 31.03 -27.92 13.76
CA THR C 96 31.63 -29.25 14.03
C THR C 96 30.87 -29.91 15.19
N ALA C 97 30.64 -29.19 16.29
CA ALA C 97 29.93 -29.71 17.47
C ALA C 97 28.52 -30.14 17.07
N LEU C 98 27.82 -29.32 16.28
CA LEU C 98 26.42 -29.57 15.85
C LEU C 98 26.40 -30.81 14.94
N ALA C 99 27.36 -30.90 14.02
CA ALA C 99 27.53 -32.05 13.10
C ALA C 99 27.69 -33.32 13.94
N GLN C 100 28.62 -33.28 14.92
CA GLN C 100 28.94 -34.42 15.83
C GLN C 100 27.70 -34.87 16.61
N HIS C 101 26.90 -33.93 17.16
CA HIS C 101 25.63 -34.25 17.87
C HIS C 101 24.65 -34.90 16.88
N LEU C 102 24.63 -34.44 15.63
CA LEU C 102 23.64 -34.93 14.62
C LEU C 102 23.95 -36.41 14.28
N ARG C 103 25.21 -36.86 14.37
CA ARG C 103 25.63 -38.28 14.28
C ARG C 103 24.91 -39.13 15.35
N ALA C 104 24.86 -38.65 16.59
CA ALA C 104 24.05 -39.22 17.70
C ALA C 104 22.54 -39.16 17.37
N ALA C 105 22.03 -38.02 16.86
CA ALA C 105 20.60 -37.78 16.57
C ALA C 105 20.09 -38.70 15.44
N VAL C 106 20.88 -38.94 14.39
CA VAL C 106 20.44 -39.78 13.23
C VAL C 106 21.36 -41.01 13.15
OAA ME9 D . 4.69 -10.92 24.68
OAB ME9 D . 8.90 -11.78 25.93
OAC ME9 D . 5.11 -5.87 27.23
OAD ME9 D . 4.07 -9.61 29.58
CAE ME9 D . 6.01 -12.98 24.75
CAF ME9 D . 6.96 -13.26 25.69
CAG ME9 D . 3.39 -7.57 26.89
CAH ME9 D . 2.98 -8.53 27.69
CAI ME9 D . 7.35 -9.61 27.71
CAJ ME9 D . 7.47 -8.20 28.24
CAK ME9 D . 6.78 -9.66 26.31
CAL ME9 D . 6.33 -7.77 29.13
CAM ME9 D . 5.65 -11.55 25.06
CAN ME9 D . 7.70 -11.98 25.85
CAO ME9 D . 4.59 -6.93 27.51
CAP ME9 D . 4.04 -8.78 28.71
NAQ ME9 D . 6.71 -11.02 25.77
NAR ME9 D . 5.03 -7.82 28.46
OAA ME9 E . -14.50 13.21 -28.73
OAB ME9 E . -10.17 13.30 -27.38
OAC ME9 E . -9.07 17.82 -29.68
OAD ME9 E . -9.61 20.09 -25.79
CAE ME9 E . -12.73 11.57 -28.93
CAF ME9 E . -11.43 11.69 -28.74
CAG ME9 E . -7.47 18.77 -28.13
CAH ME9 E . -7.62 19.19 -26.90
CAI ME9 E . -11.66 16.00 -28.60
CAJ ME9 E . -11.81 17.49 -28.28
CAK ME9 E . -12.46 15.09 -27.69
CAL ME9 E . -10.87 17.93 -27.20
CAM ME9 E . -13.34 12.89 -28.63
CAN ME9 E . -11.18 12.94 -27.97
CAO ME9 E . -8.82 18.42 -28.67
CAP ME9 E . -9.06 19.55 -26.73
NAQ ME9 E . -12.33 13.69 -28.09
NAR ME9 E . -9.73 18.74 -27.64
O23 PNS F . 14.65 -13.07 19.15
P24 PNS F . 15.24 -14.31 19.82
O26 PNS F . 15.12 -14.36 21.35
O27 PNS F . 14.52 -15.67 19.27
C28 PNS F . 13.20 -15.62 18.65
C29 PNS F . 12.55 -16.98 18.84
C30 PNS F . 12.22 -17.61 17.48
C31 PNS F . 13.47 -17.92 19.63
C32 PNS F . 11.26 -16.73 19.62
O33 PNS F . 10.59 -15.67 18.95
C34 PNS F . 10.38 -17.96 19.74
O35 PNS F . 10.82 -18.97 20.28
N36 PNS F . 9.13 -17.89 19.27
C37 PNS F . 8.12 -18.92 19.47
C38 PNS F . 7.20 -18.66 20.66
C39 PNS F . 6.92 -17.20 21.00
O40 PNS F . 5.85 -16.62 20.68
N41 PNS F . 7.89 -16.60 21.71
C42 PNS F . 7.65 -15.73 22.84
C43 PNS F . 7.52 -14.28 22.44
S44 PNS F . 6.01 -13.51 23.09
#